data_4LJQ
#
_entry.id   4LJQ
#
_cell.length_a   44.209
_cell.length_b   47.767
_cell.length_c   111.145
_cell.angle_alpha   101.390
_cell.angle_beta   90.120
_cell.angle_gamma   98.920
#
_symmetry.space_group_name_H-M   'P 1'
#
loop_
_entity.id
_entity.type
_entity.pdbx_description
1 polymer 'E3 ubiquitin-protein ligase RNF31'
2 non-polymer 'ZINC ION'
3 water water
#
_entity_poly.entity_id   1
_entity_poly.type   'polypeptide(L)'
_entity_poly.pdbx_seq_one_letter_code
;GPGPEYQAQGLA(MSE)YLQENGIDCPKCKFSYALARGGC(MSE)HFHCTQCRHQFCSGCYNAFYAKNKCPEPNCRVKKS
LHGHHPRDCLFYLRDWTALRLQKLLQDNNV(MSE)FNTEPPAGARAVPGGGCRVIEQKEVPNGLRDEACGKETPAGYAGL
CQAHYKEYLVSLINAHSLDPATLYEVEELETATERYLHVRPQPLAGEDPPAYQARLLQKLTEEVPLGQSIPRRRK
;
_entity_poly.pdbx_strand_id   B,A,C,D
#
# COMPACT_ATOMS: atom_id res chain seq x y z
N GLN A 9 -16.55 -19.60 7.56
CA GLN A 9 -16.53 -18.47 6.57
C GLN A 9 -15.08 -18.15 6.14
N GLY A 10 -14.50 -17.05 6.63
CA GLY A 10 -13.09 -16.74 6.36
C GLY A 10 -12.91 -15.97 5.08
N LEU A 11 -13.87 -16.07 4.13
CA LEU A 11 -13.86 -15.22 2.94
C LEU A 11 -14.22 -13.80 3.36
N ALA A 12 -15.21 -13.64 4.23
CA ALA A 12 -15.57 -12.35 4.78
C ALA A 12 -14.39 -11.68 5.50
N TYR A 14 -11.16 -12.31 5.10
CA TYR A 14 -10.28 -11.90 4.04
C TYR A 14 -11.32 -10.98 3.40
N LEU A 15 -10.93 -9.86 2.88
CA LEU A 15 -11.94 -8.85 2.43
C LEU A 15 -12.13 -7.77 3.45
N GLN A 16 -12.31 -8.13 4.72
CA GLN A 16 -12.32 -7.11 5.77
C GLN A 16 -10.89 -6.73 6.15
N GLU A 17 -9.93 -7.62 5.89
CA GLU A 17 -8.53 -7.29 6.09
C GLU A 17 -8.15 -6.61 4.80
N GLY A 19 -5.31 -4.16 5.58
CA GLY A 19 -4.64 -3.90 6.87
C GLY A 19 -3.25 -4.53 6.97
N ILE A 20 -2.20 -3.71 6.96
CA ILE A 20 -0.77 -4.17 7.02
C ILE A 20 0.03 -3.20 7.92
N ASP A 21 0.64 -3.72 8.98
CA ASP A 21 1.43 -2.87 9.90
C ASP A 21 2.90 -3.13 9.71
N CYS A 22 3.68 -2.06 9.68
CA CYS A 22 5.13 -2.18 9.68
C CYS A 22 5.58 -2.87 10.96
N PRO A 23 6.40 -3.92 10.84
CA PRO A 23 6.80 -4.64 12.05
C PRO A 23 7.79 -3.88 12.91
N LYS A 24 8.49 -2.91 12.34
CA LYS A 24 9.34 -2.04 13.17
C LYS A 24 8.55 -0.89 13.79
N CYS A 25 8.13 0.07 12.98
CA CYS A 25 7.47 1.26 13.54
C CYS A 25 6.01 1.05 13.96
N LYS A 26 5.34 0.00 13.50
CA LYS A 26 3.91 -0.24 13.80
C LYS A 26 2.89 0.69 13.12
N PHE A 27 3.33 1.52 12.19
CA PHE A 27 2.44 2.33 11.35
C PHE A 27 1.57 1.42 10.51
N SER A 28 0.27 1.72 10.47
CA SER A 28 -0.72 0.91 9.77
C SER A 28 -0.93 1.46 8.36
N TYR A 29 -0.84 0.61 7.33
CA TYR A 29 -0.92 1.06 5.90
C TYR A 29 -2.02 0.77 4.88
N ALA A 30 -2.64 -0.41 4.90
CA ALA A 30 -3.49 -0.87 3.81
C ALA A 30 -2.78 -1.18 2.49
N LEU A 31 -2.26 -0.16 1.82
CA LEU A 31 -1.66 -0.32 0.48
C LEU A 31 -1.53 -1.79 0.05
N CYS A 36 3.47 -7.57 -5.55
CA CYS A 36 4.75 -7.26 -4.90
C CYS A 36 4.75 -7.90 -3.48
N HIS A 38 7.35 -7.58 -1.34
CA HIS A 38 7.98 -6.68 -0.40
C HIS A 38 7.34 -5.29 -0.34
N PHE A 39 7.46 -4.66 0.81
CA PHE A 39 6.78 -3.45 1.11
C PHE A 39 7.83 -2.48 1.64
N HIS A 40 7.77 -1.23 1.22
CA HIS A 40 8.65 -0.19 1.76
C HIS A 40 7.90 0.65 2.78
N CYS A 41 8.35 0.72 4.02
CA CYS A 41 7.65 1.54 5.01
C CYS A 41 8.06 2.99 4.70
N THR A 42 7.07 3.84 4.52
CA THR A 42 7.30 5.24 4.20
C THR A 42 7.62 6.00 5.50
N GLN A 43 7.12 5.49 6.64
CA GLN A 43 7.37 6.09 7.95
C GLN A 43 8.80 5.84 8.40
N CYS A 44 9.24 4.58 8.44
CA CYS A 44 10.62 4.30 8.86
C CYS A 44 11.58 3.84 7.75
N ARG A 45 11.13 3.68 6.52
CA ARG A 45 12.01 3.16 5.45
C ARG A 45 12.52 1.70 5.63
N HIS A 46 12.04 1.00 6.64
CA HIS A 46 12.14 -0.47 6.68
C HIS A 46 11.48 -1.13 5.46
N GLN A 47 12.07 -2.19 4.97
CA GLN A 47 11.41 -3.00 3.95
C GLN A 47 11.21 -4.41 4.44
N PHE A 48 10.10 -5.01 4.09
CA PHE A 48 9.78 -6.31 4.64
C PHE A 48 8.78 -7.05 3.75
N CYS A 49 8.59 -8.34 4.04
CA CYS A 49 7.68 -9.19 3.30
C CYS A 49 6.28 -8.91 3.80
N SER A 50 5.37 -8.63 2.87
CA SER A 50 3.95 -8.46 3.24
C SER A 50 3.30 -9.77 3.57
N GLY A 51 3.97 -10.90 3.34
CA GLY A 51 3.37 -12.17 3.64
C GLY A 51 3.84 -12.73 4.94
N CYS A 52 5.10 -12.53 5.27
CA CYS A 52 5.62 -13.09 6.54
C CYS A 52 6.26 -12.07 7.47
N TYR A 53 6.32 -10.82 7.06
CA TYR A 53 6.89 -9.74 7.88
C TYR A 53 8.39 -9.78 8.14
N ASN A 54 9.13 -10.74 7.59
CA ASN A 54 10.54 -10.75 7.74
C ASN A 54 11.15 -9.65 6.91
N ALA A 55 12.40 -9.37 7.18
CA ALA A 55 13.08 -8.25 6.61
C ALA A 55 13.43 -8.58 5.19
N PHE A 56 13.34 -7.58 4.30
CA PHE A 56 13.97 -7.66 2.97
C PHE A 56 15.28 -6.87 2.96
N TYR A 57 16.31 -7.48 2.41
CA TYR A 57 17.62 -6.92 2.51
C TYR A 57 18.00 -6.50 1.15
N ALA A 58 18.46 -5.26 1.04
CA ALA A 58 19.14 -4.82 -0.16
C ALA A 58 20.37 -5.66 -0.40
N LYS A 59 20.83 -5.61 -1.64
CA LYS A 59 22.20 -5.97 -1.96
C LYS A 59 23.01 -4.96 -1.16
N ASN A 60 23.99 -5.38 -0.37
CA ASN A 60 24.23 -6.73 0.05
C ASN A 60 24.38 -6.59 1.57
N LYS A 61 23.21 -6.44 2.19
CA LYS A 61 23.04 -6.09 3.57
C LYS A 61 22.51 -7.27 4.38
N CYS A 62 22.35 -8.45 3.77
CA CYS A 62 21.78 -9.55 4.51
C CYS A 62 22.85 -10.00 5.52
N PRO A 63 22.45 -10.11 6.79
CA PRO A 63 23.38 -10.52 7.82
C PRO A 63 23.57 -12.02 7.99
N GLU A 64 22.79 -12.85 7.32
CA GLU A 64 22.91 -14.29 7.55
C GLU A 64 24.17 -14.76 6.88
N PRO A 65 25.04 -15.41 7.63
CA PRO A 65 26.35 -15.82 7.08
C PRO A 65 26.26 -16.94 6.04
N ASN A 66 25.22 -17.75 6.09
CA ASN A 66 25.05 -18.87 5.15
C ASN A 66 24.28 -18.50 3.89
N CYS A 67 23.98 -17.21 3.69
CA CYS A 67 23.14 -16.80 2.56
C CYS A 67 23.94 -16.82 1.30
N ARG A 68 23.42 -17.57 0.34
CA ARG A 68 24.05 -17.77 -0.92
C ARG A 68 23.49 -16.74 -1.90
N VAL A 69 22.51 -15.94 -1.49
CA VAL A 69 21.89 -14.97 -2.41
C VAL A 69 22.20 -13.53 -2.01
N LYS A 70 23.35 -13.31 -1.39
CA LYS A 70 23.65 -12.04 -0.71
C LYS A 70 23.68 -10.80 -1.62
N LYS A 71 23.87 -10.96 -2.93
CA LYS A 71 23.97 -9.83 -3.90
C LYS A 71 22.63 -9.41 -4.52
N SER A 72 21.52 -9.95 -4.05
CA SER A 72 20.21 -9.64 -4.61
C SER A 72 19.31 -9.16 -3.51
N LEU A 73 18.36 -8.31 -3.87
CA LEU A 73 17.34 -7.89 -2.93
C LEU A 73 16.45 -9.11 -2.60
N HIS A 74 16.35 -9.45 -1.31
CA HIS A 74 15.63 -10.65 -0.93
C HIS A 74 15.34 -10.66 0.54
N GLY A 75 14.51 -11.63 0.93
CA GLY A 75 14.20 -11.89 2.33
C GLY A 75 14.20 -13.38 2.53
N HIS A 76 14.18 -13.82 3.77
CA HIS A 76 14.17 -15.21 4.05
C HIS A 76 12.76 -15.48 4.55
N HIS A 77 12.05 -16.42 3.92
CA HIS A 77 10.66 -16.68 4.23
C HIS A 77 10.47 -18.07 4.82
N PRO A 78 9.60 -18.17 5.82
CA PRO A 78 9.20 -19.50 6.24
C PRO A 78 8.40 -20.19 5.13
N ARG A 79 8.27 -21.51 5.23
CA ARG A 79 7.68 -22.30 4.10
C ARG A 79 6.18 -22.05 3.89
N ASP A 80 5.52 -21.38 4.81
CA ASP A 80 4.10 -21.11 4.64
C ASP A 80 3.84 -19.64 4.29
N CYS A 81 4.87 -18.92 3.87
CA CYS A 81 4.66 -17.54 3.41
C CYS A 81 4.00 -17.56 2.04
N LEU A 82 3.19 -16.55 1.79
CA LEU A 82 2.56 -16.34 0.48
C LEU A 82 3.63 -16.31 -0.61
N PHE A 83 4.83 -15.85 -0.28
CA PHE A 83 5.92 -15.80 -1.24
C PHE A 83 6.14 -17.16 -1.85
N TYR A 84 6.02 -18.24 -1.09
CA TYR A 84 6.06 -19.58 -1.68
C TYR A 84 4.70 -20.12 -2.08
N LEU A 85 3.71 -19.99 -1.24
CA LEU A 85 2.44 -20.63 -1.53
C LEU A 85 1.73 -20.00 -2.72
N ARG A 86 2.03 -18.77 -3.04
CA ARG A 86 1.41 -18.20 -4.24
C ARG A 86 1.81 -18.96 -5.54
N ASP A 87 2.90 -19.73 -5.50
CA ASP A 87 3.31 -20.59 -6.63
C ASP A 87 2.59 -21.91 -6.73
N TRP A 88 1.99 -22.36 -5.65
CA TRP A 88 1.14 -23.50 -5.74
C TRP A 88 -0.10 -23.21 -6.58
N THR A 89 -0.67 -24.23 -7.20
CA THR A 89 -1.97 -24.14 -7.80
C THR A 89 -3.03 -24.06 -6.73
N ALA A 90 -4.12 -23.42 -7.06
CA ALA A 90 -5.24 -23.38 -6.16
C ALA A 90 -5.59 -24.81 -5.75
N LEU A 91 -5.61 -25.73 -6.72
CA LEU A 91 -5.98 -27.12 -6.45
C LEU A 91 -5.19 -27.68 -5.30
N ARG A 92 -3.89 -27.50 -5.37
CA ARG A 92 -3.03 -28.07 -4.35
C ARG A 92 -3.29 -27.39 -2.98
N LEU A 93 -3.50 -26.10 -3.00
CA LEU A 93 -3.85 -25.39 -1.79
C LEU A 93 -5.17 -25.88 -1.25
N GLN A 94 -6.14 -26.06 -2.12
CA GLN A 94 -7.40 -26.67 -1.67
C GLN A 94 -7.19 -28.03 -1.03
N LYS A 95 -6.29 -28.84 -1.58
CA LYS A 95 -6.05 -30.15 -0.98
C LYS A 95 -5.53 -30.07 0.47
N LEU A 96 -4.57 -29.19 0.71
CA LEU A 96 -4.14 -28.89 2.09
C LEU A 96 -5.32 -28.54 2.97
N LEU A 97 -6.20 -27.71 2.48
CA LEU A 97 -7.33 -27.26 3.25
C LEU A 97 -8.32 -28.39 3.52
N GLN A 98 -8.61 -29.19 2.52
CA GLN A 98 -9.49 -30.35 2.72
C GLN A 98 -8.88 -31.36 3.71
N ASP A 99 -7.60 -31.68 3.52
CA ASP A 99 -6.95 -32.62 4.42
C ASP A 99 -7.05 -32.22 5.90
N ASN A 100 -7.24 -30.94 6.21
CA ASN A 100 -7.34 -30.52 7.60
C ASN A 100 -8.72 -30.01 7.93
N ASN A 101 -9.70 -30.38 7.09
CA ASN A 101 -11.10 -30.07 7.33
C ASN A 101 -11.35 -28.60 7.49
N VAL A 102 -10.76 -27.80 6.63
CA VAL A 102 -11.03 -26.39 6.64
C VAL A 102 -11.82 -26.08 5.41
N PHE A 104 -13.65 -23.98 2.46
CA PHE A 104 -13.39 -22.85 1.61
C PHE A 104 -14.44 -22.75 0.51
N ASN A 105 -14.64 -21.54 0.03
CA ASN A 105 -15.52 -21.32 -1.11
C ASN A 105 -14.87 -21.56 -2.44
N THR A 106 -15.68 -21.99 -3.39
CA THR A 106 -15.29 -22.00 -4.80
C THR A 106 -16.34 -21.27 -5.61
N GLU A 107 -17.52 -21.03 -5.02
CA GLU A 107 -18.53 -20.19 -5.62
C GLU A 107 -18.72 -18.99 -4.74
N PRO A 108 -19.19 -17.87 -5.33
CA PRO A 108 -19.55 -16.72 -4.48
C PRO A 108 -20.70 -17.07 -3.59
N PRO A 109 -20.68 -16.60 -2.33
CA PRO A 109 -21.85 -16.83 -1.44
C PRO A 109 -23.16 -16.32 -2.07
N GLY A 119 -16.96 -7.90 -12.01
CA GLY A 119 -15.71 -8.62 -11.66
C GLY A 119 -15.28 -8.86 -10.20
N CYS A 120 -13.99 -9.03 -9.98
CA CYS A 120 -13.47 -9.36 -8.65
C CYS A 120 -13.94 -8.38 -7.58
N ARG A 121 -14.23 -8.90 -6.42
CA ARG A 121 -14.95 -8.23 -5.35
C ARG A 121 -14.03 -7.48 -4.37
N VAL A 122 -12.76 -7.84 -4.35
CA VAL A 122 -11.83 -7.27 -3.42
C VAL A 122 -11.67 -5.76 -3.61
N ILE A 123 -11.79 -5.01 -2.52
CA ILE A 123 -11.61 -3.56 -2.56
C ILE A 123 -10.15 -3.19 -2.35
N GLU A 124 -9.64 -2.36 -3.25
CA GLU A 124 -8.28 -1.87 -3.18
C GLU A 124 -8.27 -0.35 -3.04
N GLN A 125 -7.31 0.17 -2.29
CA GLN A 125 -7.15 1.61 -2.18
C GLN A 125 -6.35 2.08 -3.41
N LYS A 126 -7.04 2.78 -4.31
CA LYS A 126 -6.38 3.41 -5.46
C LYS A 126 -6.39 4.92 -5.24
N ASP A 134 -10.71 3.98 -3.08
CA ASP A 134 -11.22 2.68 -2.70
C ASP A 134 -12.11 2.13 -3.81
N GLU A 135 -11.55 1.28 -4.69
CA GLU A 135 -12.30 0.65 -5.76
C GLU A 135 -12.10 -0.88 -5.76
N ALA A 136 -13.10 -1.58 -6.29
CA ALA A 136 -13.05 -3.03 -6.45
C ALA A 136 -11.97 -3.37 -7.47
N CYS A 137 -11.39 -4.56 -7.32
CA CYS A 137 -10.39 -5.09 -8.24
C CYS A 137 -10.98 -5.06 -9.63
N GLY A 138 -12.19 -5.59 -9.77
CA GLY A 138 -12.90 -5.60 -11.04
C GLY A 138 -12.38 -6.54 -12.12
N LYS A 139 -11.29 -7.24 -11.87
CA LYS A 139 -10.76 -8.15 -12.89
C LYS A 139 -11.71 -9.34 -13.12
N GLU A 140 -11.52 -10.02 -14.23
CA GLU A 140 -12.36 -11.16 -14.62
C GLU A 140 -12.25 -12.20 -13.55
N THR A 141 -13.31 -12.97 -13.36
CA THR A 141 -13.39 -13.90 -12.28
C THR A 141 -13.65 -15.29 -12.85
N PRO A 142 -12.60 -16.09 -12.95
CA PRO A 142 -12.73 -17.42 -13.47
C PRO A 142 -13.55 -18.32 -12.61
N ALA A 143 -13.98 -19.39 -13.25
CA ALA A 143 -14.83 -20.38 -12.68
C ALA A 143 -14.12 -21.10 -11.58
N GLY A 144 -14.77 -21.20 -10.43
CA GLY A 144 -14.19 -21.94 -9.31
C GLY A 144 -13.40 -21.06 -8.36
N TYR A 145 -13.22 -19.79 -8.69
CA TYR A 145 -12.42 -18.93 -7.85
C TYR A 145 -13.32 -18.05 -7.01
N ALA A 146 -14.44 -18.62 -6.59
CA ALA A 146 -15.45 -17.92 -5.82
C ALA A 146 -15.68 -16.61 -6.56
N GLY A 147 -15.98 -15.52 -5.93
CA GLY A 147 -16.19 -14.36 -6.90
C GLY A 147 -14.97 -13.51 -7.19
N LEU A 148 -13.77 -14.12 -7.17
CA LEU A 148 -12.51 -13.37 -7.17
C LEU A 148 -11.71 -13.63 -8.41
N CYS A 149 -10.72 -12.77 -8.67
CA CYS A 149 -9.72 -13.09 -9.69
C CYS A 149 -8.76 -14.15 -9.19
N GLN A 150 -8.01 -14.73 -10.10
CA GLN A 150 -7.07 -15.82 -9.76
C GLN A 150 -6.08 -15.47 -8.64
N ALA A 151 -5.38 -14.36 -8.79
CA ALA A 151 -4.43 -13.90 -7.78
C ALA A 151 -5.14 -13.66 -6.42
N HIS A 152 -6.31 -13.01 -6.41
CA HIS A 152 -6.96 -12.76 -5.09
C HIS A 152 -7.54 -13.99 -4.42
N TYR A 153 -8.08 -14.88 -5.23
CA TYR A 153 -8.53 -16.16 -4.74
C TYR A 153 -7.41 -16.89 -4.03
N LYS A 154 -6.23 -16.82 -4.62
CA LYS A 154 -5.10 -17.50 -4.06
C LYS A 154 -4.69 -16.88 -2.77
N GLU A 155 -4.70 -15.56 -2.65
CA GLU A 155 -4.44 -14.91 -1.34
C GLU A 155 -5.49 -15.35 -0.32
N TYR A 156 -6.72 -15.55 -0.76
CA TYR A 156 -7.77 -15.98 0.15
C TYR A 156 -7.43 -17.32 0.70
N LEU A 157 -7.13 -18.27 -0.18
CA LEU A 157 -6.76 -19.62 0.29
C LEU A 157 -5.58 -19.59 1.23
N VAL A 158 -4.50 -18.92 0.81
CA VAL A 158 -3.35 -18.81 1.70
C VAL A 158 -3.74 -18.14 3.02
N SER A 159 -4.61 -17.17 3.00
CA SER A 159 -5.04 -16.56 4.28
C SER A 159 -5.70 -17.59 5.18
N LEU A 160 -6.40 -18.54 4.59
CA LEU A 160 -7.01 -19.63 5.41
N ILE A 161 -5.18 -20.92 5.27
CA ILE A 161 -4.02 -21.84 5.54
C ILE A 161 -3.23 -21.21 6.70
N ASN A 162 -2.95 -19.90 6.59
CA ASN A 162 -2.16 -19.24 7.60
C ASN A 162 -2.96 -19.08 8.86
N ALA A 163 -4.23 -18.74 8.73
CA ALA A 163 -5.05 -18.54 9.87
C ALA A 163 -5.05 -19.78 10.72
N HIS A 164 -5.11 -20.95 10.09
CA HIS A 164 -5.20 -22.22 10.86
C HIS A 164 -3.89 -22.88 11.05
N SER A 165 -2.77 -22.20 10.74
CA SER A 165 -1.44 -22.82 10.96
C SER A 165 -1.27 -24.14 10.24
N LEU A 166 -1.77 -24.26 9.05
CA LEU A 166 -1.59 -25.50 8.34
C LEU A 166 -0.18 -25.56 7.78
N ASP A 167 0.42 -26.73 7.84
CA ASP A 167 1.76 -26.97 7.36
C ASP A 167 1.77 -27.55 5.95
N PRO A 168 2.27 -26.79 4.98
CA PRO A 168 2.39 -27.24 3.61
C PRO A 168 3.28 -28.42 3.42
N ALA A 169 4.27 -28.56 4.27
CA ALA A 169 5.24 -29.61 4.11
C ALA A 169 4.55 -30.95 4.08
N THR A 170 3.38 -31.06 4.72
CA THR A 170 2.63 -32.32 4.67
C THR A 170 2.18 -32.79 3.30
N LEU A 171 2.31 -31.96 2.25
CA LEU A 171 2.03 -32.39 0.87
C LEU A 171 3.27 -32.41 0.01
N TYR A 172 4.43 -32.15 0.58
CA TYR A 172 5.64 -32.15 -0.19
C TYR A 172 5.96 -33.55 -0.70
N GLU A 173 6.37 -33.61 -1.94
CA GLU A 173 7.05 -34.75 -2.49
C GLU A 173 8.47 -34.74 -1.93
N VAL A 174 9.15 -35.87 -2.09
CA VAL A 174 10.51 -36.06 -1.54
C VAL A 174 11.49 -34.98 -1.88
N GLU A 175 11.40 -34.50 -3.12
CA GLU A 175 12.34 -33.53 -3.64
C GLU A 175 12.12 -32.14 -3.08
N GLU A 176 10.87 -31.81 -2.79
CA GLU A 176 10.57 -30.54 -2.13
C GLU A 176 11.06 -30.66 -0.67
N LEU A 177 10.88 -31.84 -0.08
CA LEU A 177 11.37 -32.11 1.27
C LEU A 177 12.88 -32.00 1.28
N GLU A 178 13.55 -32.52 0.26
CA GLU A 178 15.02 -32.33 0.17
C GLU A 178 15.47 -30.86 0.06
N THR A 179 14.79 -30.12 -0.80
CA THR A 179 15.01 -28.70 -0.96
C THR A 179 14.74 -27.94 0.35
N ALA A 180 13.65 -28.27 1.01
CA ALA A 180 13.33 -27.69 2.29
C ALA A 180 14.41 -27.94 3.36
N THR A 181 14.90 -29.17 3.45
CA THR A 181 15.88 -29.45 4.49
C THR A 181 17.20 -28.80 4.15
N GLU A 182 17.53 -28.66 2.87
CA GLU A 182 18.71 -27.88 2.54
C GLU A 182 18.49 -26.37 2.85
N ARG A 183 17.37 -25.79 2.44
CA ARG A 183 17.11 -24.38 2.69
C ARG A 183 17.02 -24.04 4.19
N TYR A 184 16.33 -24.84 4.99
CA TYR A 184 16.10 -24.47 6.39
C TYR A 184 17.02 -25.10 7.40
N LEU A 185 17.64 -26.24 7.10
CA LEU A 185 18.57 -26.86 8.02
C LEU A 185 20.02 -26.92 7.48
N HIS A 186 20.25 -26.45 6.26
CA HIS A 186 21.61 -26.32 5.72
C HIS A 186 22.32 -27.65 5.65
N VAL A 187 21.56 -28.71 5.40
CA VAL A 187 22.10 -30.03 5.19
C VAL A 187 21.49 -30.66 3.92
N ARG A 188 22.32 -31.31 3.13
CA ARG A 188 21.87 -32.05 1.98
C ARG A 188 21.52 -33.45 2.44
N PRO A 189 20.24 -33.77 2.55
CA PRO A 189 19.93 -35.12 3.06
C PRO A 189 20.10 -36.21 2.01
N GLN A 190 19.94 -37.44 2.42
CA GLN A 190 20.24 -38.57 1.57
C GLN A 190 19.47 -39.73 2.15
N PRO A 191 18.87 -40.56 1.29
CA PRO A 191 18.27 -41.82 1.85
C PRO A 191 19.27 -42.74 2.56
N LEU A 192 18.89 -43.25 3.72
CA LEU A 192 19.70 -44.22 4.43
C LEU A 192 19.58 -45.57 3.75
N ALA A 193 20.49 -46.48 4.10
CA ALA A 193 20.57 -47.80 3.47
C ALA A 193 19.30 -48.61 3.72
N GLY A 194 18.75 -49.18 2.64
CA GLY A 194 17.47 -49.92 2.74
C GLY A 194 16.29 -49.13 3.30
N GLU A 195 16.32 -47.82 3.09
CA GLU A 195 15.19 -46.95 3.38
C GLU A 195 14.44 -46.75 2.07
N ASP A 196 13.19 -47.16 2.00
CA ASP A 196 12.39 -46.94 0.81
C ASP A 196 11.97 -45.46 0.70
N PRO A 197 11.51 -45.03 -0.49
CA PRO A 197 11.05 -43.63 -0.61
C PRO A 197 10.01 -43.16 0.42
N PRO A 198 9.02 -43.99 0.76
CA PRO A 198 8.08 -43.59 1.81
C PRO A 198 8.68 -43.30 3.19
N ALA A 199 9.59 -44.17 3.64
CA ALA A 199 10.23 -43.98 4.94
C ALA A 199 11.12 -42.74 4.90
N TYR A 200 11.84 -42.57 3.78
CA TYR A 200 12.69 -41.41 3.56
C TYR A 200 11.85 -40.12 3.69
N GLN A 201 10.67 -40.18 3.11
CA GLN A 201 9.80 -39.05 3.13
C GLN A 201 9.35 -38.74 4.54
N ALA A 202 8.89 -39.76 5.25
CA ALA A 202 8.47 -39.62 6.64
C ALA A 202 9.60 -39.10 7.51
N ARG A 203 10.82 -39.52 7.26
CA ARG A 203 11.94 -39.03 8.09
C ARG A 203 12.24 -37.55 7.84
N LEU A 204 12.21 -37.17 6.59
CA LEU A 204 12.43 -35.79 6.20
C LEU A 204 11.33 -34.87 6.70
N LEU A 205 10.10 -35.32 6.58
CA LEU A 205 9.00 -34.52 7.06
C LEU A 205 9.09 -34.35 8.55
N GLN A 206 9.37 -35.45 9.25
CA GLN A 206 9.43 -35.40 10.69
C GLN A 206 10.50 -34.43 11.17
N LYS A 207 11.69 -34.55 10.62
CA LYS A 207 12.80 -33.72 11.08
C LYS A 207 12.48 -32.26 10.80
N LEU A 208 11.89 -32.02 9.64
CA LEU A 208 11.54 -30.70 9.25
C LEU A 208 10.50 -30.05 10.15
N THR A 209 9.47 -30.81 10.48
CA THR A 209 8.41 -30.28 11.36
C THR A 209 8.91 -30.11 12.79
N GLU A 210 9.77 -30.97 13.28
CA GLU A 210 10.29 -30.83 14.65
C GLU A 210 11.20 -29.61 14.79
N GLU A 211 12.05 -29.38 13.82
CA GLU A 211 13.13 -28.42 13.98
C GLU A 211 12.86 -27.08 13.35
N VAL A 212 11.88 -26.96 12.46
CA VAL A 212 11.70 -25.65 11.82
C VAL A 212 10.24 -25.19 11.80
N PRO A 213 9.94 -24.19 12.63
CA PRO A 213 8.58 -23.77 12.76
C PRO A 213 8.03 -23.08 11.49
N LEU A 214 6.72 -23.09 11.40
CA LEU A 214 6.01 -22.22 10.46
C LEU A 214 6.34 -20.76 10.75
N GLY A 215 5.86 -19.86 9.92
CA GLY A 215 6.14 -18.45 10.10
C GLY A 215 5.85 -17.94 11.50
N GLN A 216 6.86 -17.39 12.14
CA GLN A 216 6.79 -16.94 13.49
C GLN A 216 6.14 -15.57 13.69
N SER A 217 6.01 -14.77 12.63
CA SER A 217 5.27 -13.48 12.67
C SER A 217 4.00 -13.42 11.81
N ILE A 218 3.58 -14.53 11.26
CA ILE A 218 2.36 -14.54 10.47
C ILE A 218 1.15 -14.56 11.42
N PRO A 219 0.19 -13.63 11.26
CA PRO A 219 -0.98 -13.63 12.16
C PRO A 219 -1.80 -14.91 12.04
N ARG A 220 -2.13 -15.48 13.17
CA ARG A 220 -2.86 -16.75 13.28
C ARG A 220 -4.27 -16.55 13.89
N ARG A 221 -5.16 -17.52 13.71
CA ARG A 221 -6.46 -17.46 14.36
C ARG A 221 -6.25 -17.59 15.84
N GLN B 9 2.42 -0.93 51.23
CA GLN B 9 2.16 -2.15 52.07
C GLN B 9 3.03 -3.37 51.59
N GLY B 10 2.50 -4.45 51.01
CA GLY B 10 1.10 -4.90 51.10
C GLY B 10 0.95 -6.16 51.96
N LEU B 11 1.69 -6.08 53.04
CA LEU B 11 1.82 -7.17 53.98
C LEU B 11 0.57 -7.27 54.83
N ALA B 12 0.06 -6.14 55.31
CA ALA B 12 -1.18 -6.11 56.06
C ALA B 12 -2.33 -6.72 55.27
N TYR B 14 -2.21 -8.82 52.75
CA TYR B 14 -1.99 -10.27 52.55
C TYR B 14 -2.39 -11.14 53.77
N LEU B 15 -2.11 -10.65 54.97
CA LEU B 15 -2.57 -11.27 56.20
C LEU B 15 -4.08 -11.12 56.45
N GLN B 16 -4.70 -10.06 55.92
CA GLN B 16 -6.09 -9.75 56.20
C GLN B 16 -6.87 -9.19 54.99
N GLU B 17 -7.41 -10.03 54.09
CA GLU B 17 -7.29 -11.53 54.09
C GLU B 17 -7.57 -12.17 52.71
N GLY B 19 -9.49 -16.11 52.60
CA GLY B 19 -10.60 -15.95 51.68
C GLY B 19 -10.36 -16.60 50.32
N ILE B 20 -11.18 -17.57 49.94
CA ILE B 20 -11.09 -18.22 48.63
C ILE B 20 -12.48 -18.69 48.18
N ASP B 21 -12.94 -18.21 47.02
CA ASP B 21 -14.27 -18.58 46.54
C ASP B 21 -14.21 -19.51 45.33
N CYS B 22 -15.07 -20.51 45.34
CA CYS B 22 -15.19 -21.41 44.21
C CYS B 22 -15.60 -20.59 42.98
N PRO B 23 -14.87 -20.74 41.86
CA PRO B 23 -15.22 -19.95 40.68
C PRO B 23 -16.52 -20.41 40.02
N LYS B 24 -16.96 -21.64 40.25
CA LYS B 24 -18.26 -22.05 39.75
C LYS B 24 -19.40 -21.66 40.69
N CYS B 25 -19.47 -22.27 41.87
CA CYS B 25 -20.37 -21.89 42.98
C CYS B 25 -20.49 -20.47 43.40
N LYS B 26 -19.31 -19.93 43.58
CA LYS B 26 -19.09 -18.77 44.44
C LYS B 26 -19.18 -19.02 45.97
N PHE B 27 -19.23 -20.28 46.44
CA PHE B 27 -19.17 -20.58 47.87
C PHE B 27 -17.81 -20.17 48.42
N SER B 28 -17.81 -19.47 49.55
CA SER B 28 -16.60 -18.92 50.09
C SER B 28 -16.03 -19.87 51.15
N TYR B 29 -14.76 -20.22 51.01
CA TYR B 29 -14.08 -21.13 51.92
C TYR B 29 -12.94 -20.30 52.56
N ALA B 30 -12.01 -20.93 53.29
CA ALA B 30 -10.84 -20.17 53.81
C ALA B 30 -9.48 -20.83 53.50
N CYS B 36 -0.73 -26.92 48.95
CA CYS B 36 -1.47 -27.56 47.90
C CYS B 36 -2.07 -26.50 46.96
N HIS B 38 -4.19 -27.16 44.30
CA HIS B 38 -5.53 -27.41 43.86
C HIS B 38 -6.51 -27.64 45.02
N PHE B 39 -7.76 -27.31 44.77
CA PHE B 39 -8.78 -27.19 45.80
C PHE B 39 -9.98 -27.95 45.32
N HIS B 40 -10.59 -28.74 46.20
CA HIS B 40 -11.81 -29.49 45.84
C HIS B 40 -13.01 -28.74 46.44
N CYS B 41 -13.97 -28.31 45.63
CA CYS B 41 -15.12 -27.60 46.19
C CYS B 41 -16.03 -28.67 46.77
N THR B 42 -16.40 -28.52 48.03
CA THR B 42 -17.23 -29.52 48.67
C THR B 42 -18.68 -29.26 48.24
N GLN B 43 -19.00 -27.99 47.97
CA GLN B 43 -20.35 -27.58 47.58
C GLN B 43 -20.70 -28.10 46.19
N CYS B 44 -19.87 -27.82 45.20
CA CYS B 44 -20.04 -28.40 43.87
C CYS B 44 -18.80 -29.30 43.78
N ARG B 45 -18.82 -30.34 42.95
CA ARG B 45 -17.65 -31.27 42.85
C ARG B 45 -16.52 -30.63 41.99
N HIS B 46 -16.45 -29.29 41.87
CA HIS B 46 -15.39 -28.63 41.10
C HIS B 46 -14.00 -28.67 41.77
N GLN B 47 -12.96 -28.90 40.97
CA GLN B 47 -11.59 -28.74 41.45
C GLN B 47 -10.84 -27.70 40.63
N PHE B 48 -10.05 -26.89 41.29
CA PHE B 48 -9.46 -25.74 40.62
C PHE B 48 -8.18 -25.24 41.36
N CYS B 49 -7.44 -24.35 40.71
CA CYS B 49 -6.20 -23.86 41.23
C CYS B 49 -6.54 -22.78 42.19
N SER B 50 -5.97 -22.84 43.37
CA SER B 50 -6.15 -21.79 44.36
C SER B 50 -5.38 -20.54 43.99
N GLY B 51 -4.51 -20.64 43.02
CA GLY B 51 -3.66 -19.48 42.66
C GLY B 51 -4.19 -18.74 41.46
N CYS B 52 -4.76 -19.46 40.48
CA CYS B 52 -5.26 -18.81 39.28
C CYS B 52 -6.72 -19.14 38.99
N TYR B 53 -7.32 -20.03 39.76
CA TYR B 53 -8.74 -20.37 39.58
C TYR B 53 -9.11 -21.16 38.35
N ASN B 54 -8.15 -21.55 37.53
CA ASN B 54 -8.48 -22.42 36.41
C ASN B 54 -8.83 -23.82 36.88
N ALA B 55 -9.41 -24.60 35.98
CA ALA B 55 -9.90 -25.91 36.30
C ALA B 55 -8.76 -26.90 36.43
N PHE B 56 -8.83 -27.81 37.40
CA PHE B 56 -7.95 -28.97 37.44
C PHE B 56 -8.68 -30.17 36.86
N TYR B 57 -7.99 -30.92 36.03
CA TYR B 57 -8.58 -32.02 35.33
C TYR B 57 -7.96 -33.31 35.80
N ALA B 58 -8.83 -34.25 36.15
CA ALA B 58 -8.40 -35.61 36.39
C ALA B 58 -7.76 -36.20 35.12
N LYS B 59 -6.98 -37.25 35.31
CA LYS B 59 -6.61 -38.14 34.24
C LYS B 59 -7.92 -38.73 33.71
N ASN B 60 -8.20 -38.69 32.41
CA ASN B 60 -7.55 -37.83 31.43
C ASN B 60 -8.70 -37.10 30.72
N LYS B 61 -9.21 -36.12 31.44
CA LYS B 61 -10.43 -35.41 31.12
C LYS B 61 -10.13 -33.97 30.69
N CYS B 62 -8.86 -33.63 30.48
CA CYS B 62 -8.52 -32.29 30.04
C CYS B 62 -8.95 -32.16 28.59
N PRO B 63 -9.70 -31.10 28.27
CA PRO B 63 -10.20 -30.87 26.93
C PRO B 63 -9.23 -30.11 25.98
N GLU B 64 -8.07 -29.67 26.46
CA GLU B 64 -7.14 -29.02 25.57
C GLU B 64 -6.57 -30.04 24.63
N PRO B 65 -6.75 -29.85 23.31
CA PRO B 65 -6.42 -30.90 22.35
C PRO B 65 -4.94 -31.22 22.22
N ASN B 66 -4.06 -30.29 22.58
CA ASN B 66 -2.63 -30.58 22.74
C ASN B 66 -2.16 -30.20 24.11
N CYS B 67 -2.15 -31.15 25.03
CA CYS B 67 -1.67 -30.97 26.39
C CYS B 67 -0.13 -31.25 26.56
N ARG B 68 0.43 -32.41 26.21
CA ARG B 68 -0.26 -33.68 26.22
C ARG B 68 -0.07 -34.27 27.61
N VAL B 69 -0.04 -33.41 28.64
CA VAL B 69 0.20 -33.80 30.05
C VAL B 69 -1.11 -34.46 30.45
N LYS B 70 -1.79 -35.02 29.46
CA LYS B 70 -3.16 -35.49 29.60
C LYS B 70 -3.41 -36.55 30.68
N LYS B 71 -2.40 -37.37 30.97
CA LYS B 71 -2.58 -38.57 31.83
C LYS B 71 -2.23 -38.36 33.30
N SER B 72 -2.17 -37.09 33.68
CA SER B 72 -1.96 -36.72 35.06
C SER B 72 -3.01 -35.70 35.49
N LEU B 73 -3.31 -35.68 36.79
CA LEU B 73 -4.14 -34.63 37.37
C LEU B 73 -3.39 -33.28 37.28
N HIS B 74 -4.00 -32.30 36.62
CA HIS B 74 -3.31 -31.04 36.34
C HIS B 74 -4.28 -29.98 35.92
N GLY B 75 -3.77 -28.76 35.84
CA GLY B 75 -4.50 -27.61 35.36
C GLY B 75 -3.57 -26.84 34.46
N HIS B 76 -4.11 -25.87 33.75
CA HIS B 76 -3.30 -25.03 32.89
C HIS B 76 -3.25 -23.68 33.56
N HIS B 77 -2.05 -23.20 33.86
CA HIS B 77 -1.89 -21.99 34.60
C HIS B 77 -1.27 -20.89 33.74
N PRO B 78 -1.72 -19.67 33.95
CA PRO B 78 -0.99 -18.55 33.36
C PRO B 78 0.39 -18.42 34.03
N ARG B 79 1.30 -17.73 33.37
CA ARG B 79 2.68 -17.68 33.82
C ARG B 79 2.86 -16.93 35.13
N ASP B 80 1.86 -16.19 35.58
CA ASP B 80 2.01 -15.47 36.85
C ASP B 80 1.23 -16.14 37.99
N CYS B 81 0.80 -17.40 37.78
CA CYS B 81 0.19 -18.16 38.88
C CYS B 81 1.24 -18.53 39.92
N LEU B 82 0.79 -18.56 41.17
CA LEU B 82 1.60 -19.03 42.28
C LEU B 82 2.14 -20.43 41.99
N PHE B 83 1.37 -21.24 41.28
CA PHE B 83 1.85 -22.55 40.87
C PHE B 83 3.25 -22.47 40.27
N TYR B 84 3.53 -21.51 39.40
CA TYR B 84 4.90 -21.36 38.85
C TYR B 84 5.76 -20.48 39.72
N LEU B 85 5.25 -19.34 40.15
CA LEU B 85 6.11 -18.40 40.89
C LEU B 85 6.55 -18.92 42.25
N ARG B 86 5.85 -19.87 42.83
CA ARG B 86 6.32 -20.42 44.08
C ARG B 86 7.65 -21.16 43.89
N ASP B 87 7.99 -21.54 42.66
CA ASP B 87 9.27 -22.19 42.37
C ASP B 87 10.45 -21.22 42.20
N TRP B 88 10.17 -19.94 41.97
CA TRP B 88 11.22 -18.94 41.97
C TRP B 88 11.75 -18.77 43.36
N THR B 89 13.01 -18.38 43.46
CA THR B 89 13.59 -17.96 44.73
C THR B 89 12.96 -16.64 45.14
N ALA B 90 12.87 -16.38 46.43
CA ALA B 90 12.45 -15.08 46.93
C ALA B 90 13.27 -13.97 46.24
N LEU B 91 14.57 -14.19 46.13
CA LEU B 91 15.46 -13.21 45.50
C LEU B 91 14.95 -12.77 44.13
N ARG B 92 14.65 -13.75 43.31
CA ARG B 92 14.24 -13.46 41.95
C ARG B 92 12.89 -12.74 41.97
N LEU B 93 12.00 -13.19 42.82
CA LEU B 93 10.74 -12.49 42.96
C LEU B 93 10.99 -11.05 43.42
N GLN B 94 11.86 -10.87 44.38
CA GLN B 94 12.18 -9.50 44.82
C GLN B 94 12.68 -8.68 43.67
N LYS B 95 13.48 -9.28 42.81
CA LYS B 95 13.99 -8.54 41.68
C LYS B 95 12.86 -8.00 40.79
N LEU B 96 11.89 -8.84 40.47
CA LEU B 96 10.73 -8.40 39.73
C LEU B 96 10.11 -7.17 40.42
N LEU B 97 10.00 -7.26 41.74
CA LEU B 97 9.32 -6.21 42.49
C LEU B 97 10.12 -4.91 42.49
N GLN B 98 11.42 -5.01 42.68
CA GLN B 98 12.28 -3.83 42.60
C GLN B 98 12.23 -3.19 41.22
N ASP B 99 12.37 -4.00 40.18
CA ASP B 99 12.36 -3.47 38.84
C ASP B 99 11.12 -2.67 38.52
N ASN B 100 10.02 -2.93 39.18
CA ASN B 100 8.82 -2.18 38.91
C ASN B 100 8.47 -1.25 40.09
N ASN B 101 9.45 -0.98 40.95
CA ASN B 101 9.31 -0.04 42.06
C ASN B 101 8.17 -0.36 43.00
N VAL B 102 8.02 -1.64 43.32
CA VAL B 102 7.01 -2.03 44.25
C VAL B 102 7.72 -2.40 45.53
N PHE B 104 8.42 -3.85 49.20
CA PHE B 104 8.14 -5.03 49.96
C PHE B 104 8.96 -5.05 51.23
N ASN B 105 8.43 -5.74 52.23
CA ASN B 105 9.18 -5.92 53.46
C ASN B 105 10.16 -7.09 53.38
N THR B 106 11.23 -6.96 54.13
CA THR B 106 12.13 -8.08 54.43
C THR B 106 12.31 -8.22 55.93
N GLU B 107 11.91 -7.19 56.67
CA GLU B 107 11.91 -7.21 58.12
C GLU B 107 10.48 -7.01 58.57
N PRO B 108 10.14 -7.54 59.76
CA PRO B 108 8.79 -7.28 60.28
C PRO B 108 8.63 -5.78 60.56
N PRO B 109 7.46 -5.19 60.25
CA PRO B 109 7.25 -3.77 60.54
C PRO B 109 7.60 -3.38 61.99
N GLY B 118 4.62 -18.12 67.83
CA GLY B 118 5.95 -17.86 68.37
C GLY B 118 6.94 -17.53 67.25
N GLY B 119 6.51 -17.83 66.03
CA GLY B 119 7.27 -17.49 64.81
C GLY B 119 6.31 -16.91 63.78
N CYS B 120 6.04 -17.62 62.69
CA CYS B 120 5.29 -17.03 61.58
C CYS B 120 3.95 -16.47 62.01
N ARG B 121 3.60 -15.33 61.44
CA ARG B 121 2.52 -14.49 61.90
C ARG B 121 1.17 -14.79 61.25
N VAL B 122 1.21 -15.48 60.12
CA VAL B 122 0.00 -15.75 59.35
C VAL B 122 -0.98 -16.59 60.14
N ILE B 123 -2.23 -16.15 60.18
CA ILE B 123 -3.28 -16.88 60.84
C ILE B 123 -3.92 -17.88 59.89
N GLU B 124 -4.04 -19.12 60.35
CA GLU B 124 -4.68 -20.20 59.60
C GLU B 124 -5.92 -20.70 60.33
N ASP B 134 -8.53 -21.11 64.53
CA ASP B 134 -7.75 -19.94 64.10
C ASP B 134 -6.47 -19.82 64.89
N GLU B 135 -5.37 -20.33 64.32
CA GLU B 135 -4.06 -20.23 64.95
C GLU B 135 -3.04 -19.64 63.97
N ALA B 136 -2.01 -19.00 64.55
CA ALA B 136 -0.85 -18.56 63.81
C ALA B 136 -0.11 -19.76 63.28
N CYS B 137 0.58 -19.55 62.16
CA CYS B 137 1.42 -20.57 61.53
C CYS B 137 2.41 -21.07 62.56
N GLY B 138 3.11 -20.13 63.18
CA GLY B 138 4.08 -20.46 64.21
C GLY B 138 5.40 -21.05 63.75
N LYS B 139 5.57 -21.29 62.46
CA LYS B 139 6.80 -21.91 62.01
C LYS B 139 7.97 -20.96 62.17
N GLU B 140 9.18 -21.52 62.11
CA GLU B 140 10.39 -20.71 62.26
C GLU B 140 10.42 -19.67 61.18
N THR B 141 11.04 -18.53 61.47
CA THR B 141 11.01 -17.40 60.57
C THR B 141 12.43 -16.99 60.21
N PRO B 142 12.91 -17.42 59.03
CA PRO B 142 14.26 -17.10 58.62
C PRO B 142 14.50 -15.64 58.39
N ALA B 143 15.77 -15.30 58.42
CA ALA B 143 16.25 -13.96 58.22
C ALA B 143 15.90 -13.48 56.82
N GLY B 144 15.29 -12.30 56.74
CA GLY B 144 14.98 -11.69 55.46
C GLY B 144 13.56 -11.97 55.01
N TYR B 145 12.82 -12.80 55.73
CA TYR B 145 11.53 -13.17 55.27
C TYR B 145 10.48 -12.44 56.04
N ALA B 146 10.81 -11.20 56.42
CA ALA B 146 9.93 -10.36 57.24
C ALA B 146 9.52 -11.22 58.42
N GLY B 147 8.34 -11.12 58.96
CA GLY B 147 8.13 -12.00 60.12
C GLY B 147 7.54 -13.36 59.80
N LEU B 148 7.79 -13.89 58.60
CA LEU B 148 7.06 -15.05 58.09
C LEU B 148 7.96 -16.25 57.87
N CYS B 149 7.37 -17.42 57.69
CA CYS B 149 8.14 -18.57 57.22
C CYS B 149 8.41 -18.42 55.73
N GLN B 150 9.33 -19.23 55.24
CA GLN B 150 9.71 -19.19 53.82
C GLN B 150 8.51 -19.30 52.85
N ALA B 151 7.70 -20.31 53.03
CA ALA B 151 6.55 -20.52 52.13
C ALA B 151 5.58 -19.33 52.21
N HIS B 152 5.28 -18.84 53.41
CA HIS B 152 4.33 -17.72 53.49
C HIS B 152 4.87 -16.40 52.96
N TYR B 153 6.15 -16.16 53.18
CA TYR B 153 6.80 -15.01 52.64
C TYR B 153 6.64 -15.00 51.13
N LYS B 154 6.80 -16.17 50.54
CA LYS B 154 6.73 -16.29 49.12
C LYS B 154 5.37 -16.03 48.64
N GLU B 155 4.33 -16.49 49.34
CA GLU B 155 2.94 -16.14 48.95
C GLU B 155 2.72 -14.63 49.07
N TYR B 156 3.38 -14.01 50.04
CA TYR B 156 3.27 -12.57 50.21
C TYR B 156 3.83 -11.87 48.98
N LEU B 157 5.06 -12.20 48.60
CA LEU B 157 5.67 -11.61 47.40
C LEU B 157 4.82 -11.84 46.14
N VAL B 158 4.41 -13.07 45.89
CA VAL B 158 3.56 -13.34 44.76
C VAL B 158 2.26 -12.54 44.87
N SER B 159 1.71 -12.39 46.07
CA SER B 159 0.47 -11.57 46.19
C SER B 159 0.74 -10.15 45.73
N LEU B 160 1.93 -9.64 45.97
CA LEU B 160 2.28 -8.29 45.51
C LEU B 160 2.45 -8.24 43.99
N ILE B 161 3.19 -9.22 43.46
CA ILE B 161 3.33 -9.32 42.03
C ILE B 161 1.96 -9.37 41.34
N ASN B 162 1.05 -10.16 41.87
CA ASN B 162 -0.25 -10.32 41.25
C ASN B 162 -1.11 -9.08 41.42
N ALA B 163 -1.06 -8.47 42.59
CA ALA B 163 -1.85 -7.26 42.84
C ALA B 163 -1.52 -6.18 41.81
N HIS B 164 -0.24 -6.06 41.46
CA HIS B 164 0.18 -5.02 40.53
C HIS B 164 0.31 -5.47 39.11
N SER B 165 -0.14 -6.67 38.78
CA SER B 165 -0.07 -7.16 37.41
C SER B 165 1.34 -7.14 36.87
N LEU B 166 2.33 -7.48 37.67
CA LEU B 166 3.67 -7.55 37.13
C LEU B 166 3.88 -8.82 36.31
N ASP B 167 4.59 -8.69 35.19
CA ASP B 167 4.82 -9.77 34.27
C ASP B 167 6.18 -10.42 34.49
N PRO B 168 6.18 -11.68 34.92
CA PRO B 168 7.42 -12.41 35.17
C PRO B 168 8.25 -12.65 33.93
N ALA B 169 7.60 -12.71 32.77
CA ALA B 169 8.30 -12.92 31.54
C ALA B 169 9.39 -11.89 31.33
N THR B 170 9.25 -10.69 31.89
CA THR B 170 10.29 -9.68 31.78
C THR B 170 11.62 -10.08 32.37
N LEU B 171 11.71 -11.17 33.11
CA LEU B 171 13.03 -11.62 33.67
C LEU B 171 13.45 -12.91 33.08
N TYR B 172 12.68 -13.40 32.13
CA TYR B 172 13.01 -14.66 31.51
C TYR B 172 14.28 -14.56 30.73
N GLU B 173 15.10 -15.58 30.89
CA GLU B 173 16.15 -15.86 29.97
C GLU B 173 15.53 -16.47 28.69
N VAL B 174 16.33 -16.50 27.60
CA VAL B 174 15.88 -16.93 26.26
C VAL B 174 15.18 -18.29 26.29
N GLU B 175 15.71 -19.18 27.11
CA GLU B 175 15.22 -20.55 27.14
C GLU B 175 13.87 -20.66 27.86
N GLU B 176 13.64 -19.80 28.84
CA GLU B 176 12.36 -19.77 29.51
C GLU B 176 11.34 -19.14 28.55
N LEU B 177 11.79 -18.15 27.81
CA LEU B 177 10.98 -17.56 26.77
C LEU B 177 10.63 -18.62 25.72
N GLU B 178 11.59 -19.44 25.33
CA GLU B 178 11.28 -20.55 24.41
C GLU B 178 10.25 -21.55 24.98
N THR B 179 10.42 -21.95 26.22
CA THR B 179 9.50 -22.80 26.92
C THR B 179 8.12 -22.18 27.03
N ALA B 180 8.08 -20.90 27.35
CA ALA B 180 6.84 -20.17 27.40
C ALA B 180 6.10 -20.14 26.05
N THR B 181 6.81 -19.89 24.97
CA THR B 181 6.12 -19.74 23.75
C THR B 181 5.68 -21.12 23.28
N GLU B 182 6.39 -22.17 23.64
CA GLU B 182 5.91 -23.53 23.34
C GLU B 182 4.68 -23.86 24.18
N ARG B 183 4.71 -23.54 25.46
CA ARG B 183 3.56 -23.81 26.32
C ARG B 183 2.31 -23.04 25.96
N TYR B 184 2.43 -21.75 25.66
CA TYR B 184 1.26 -20.91 25.51
C TYR B 184 0.86 -20.63 24.07
N LEU B 185 1.78 -20.72 23.12
CA LEU B 185 1.44 -20.50 21.72
C LEU B 185 1.63 -21.77 20.89
N HIS B 186 2.08 -22.86 21.50
CA HIS B 186 2.17 -24.17 20.79
C HIS B 186 3.06 -24.10 19.56
N VAL B 187 4.09 -23.28 19.62
CA VAL B 187 5.10 -23.19 18.58
C VAL B 187 6.48 -23.34 19.21
N ARG B 188 7.36 -24.14 18.60
CA ARG B 188 8.79 -24.21 18.97
C ARG B 188 9.51 -23.06 18.23
N PRO B 189 9.81 -21.95 18.91
CA PRO B 189 10.42 -20.84 18.15
C PRO B 189 11.88 -21.07 17.83
N GLN B 190 12.43 -20.20 17.03
CA GLN B 190 13.75 -20.37 16.47
C GLN B 190 14.25 -18.99 16.07
N PRO B 191 15.52 -18.70 16.34
CA PRO B 191 16.07 -17.42 15.87
C PRO B 191 15.98 -17.25 14.35
N LEU B 192 15.54 -16.09 13.88
CA LEU B 192 15.52 -15.75 12.47
C LEU B 192 16.94 -15.45 11.98
N ALA B 193 17.08 -15.38 10.66
CA ALA B 193 18.36 -15.20 10.03
C ALA B 193 19.01 -13.84 10.40
N GLY B 194 20.27 -13.88 10.82
CA GLY B 194 20.98 -12.68 11.31
C GLY B 194 20.33 -11.97 12.49
N GLU B 195 19.58 -12.71 13.29
CA GLU B 195 18.99 -12.19 14.51
C GLU B 195 19.94 -12.58 15.65
N ASP B 196 20.46 -11.60 16.36
CA ASP B 196 21.33 -11.90 17.52
C ASP B 196 20.51 -12.33 18.72
N PRO B 197 21.16 -12.88 19.76
CA PRO B 197 20.37 -13.32 20.93
C PRO B 197 19.49 -12.24 21.57
N PRO B 198 19.98 -10.99 21.62
CA PRO B 198 19.14 -9.93 22.24
C PRO B 198 17.87 -9.60 21.47
N ALA B 199 17.97 -9.55 20.14
CA ALA B 199 16.80 -9.31 19.28
C ALA B 199 15.82 -10.48 19.32
N TYR B 200 16.35 -11.69 19.33
CA TYR B 200 15.57 -12.89 19.54
C TYR B 200 14.77 -12.84 20.84
N GLN B 201 15.44 -12.42 21.89
CA GLN B 201 14.80 -12.33 23.19
C GLN B 201 13.69 -11.31 23.19
N ALA B 202 13.99 -10.12 22.67
CA ALA B 202 12.99 -9.04 22.52
C ALA B 202 11.80 -9.48 21.67
N ARG B 203 12.03 -10.24 20.61
CA ARG B 203 10.92 -10.70 19.81
C ARG B 203 10.02 -11.71 20.53
N LEU B 204 10.62 -12.65 21.20
CA LEU B 204 9.91 -13.62 21.96
C LEU B 204 9.11 -12.98 23.12
N LEU B 205 9.75 -12.06 23.83
CA LEU B 205 9.07 -11.38 24.93
C LEU B 205 7.89 -10.57 24.40
N GLN B 206 8.11 -9.84 23.32
CA GLN B 206 7.08 -9.04 22.74
C GLN B 206 5.87 -9.86 22.29
N LYS B 207 6.12 -10.92 21.54
CA LYS B 207 5.07 -11.72 20.99
C LYS B 207 4.30 -12.32 22.14
N LEU B 208 5.04 -12.74 23.16
CA LEU B 208 4.44 -13.38 24.30
C LEU B 208 3.54 -12.45 25.05
N THR B 209 4.00 -11.23 25.25
CA THR B 209 3.21 -10.23 25.91
C THR B 209 1.97 -9.79 25.13
N GLU B 210 2.09 -9.68 23.81
CA GLU B 210 0.98 -9.23 22.97
C GLU B 210 -0.12 -10.27 22.93
N GLU B 211 0.27 -11.53 22.81
CA GLU B 211 -0.67 -12.56 22.46
C GLU B 211 -1.16 -13.32 23.67
N VAL B 212 -0.48 -13.25 24.81
CA VAL B 212 -0.90 -14.11 25.91
C VAL B 212 -0.95 -13.38 27.25
N PRO B 213 -2.16 -13.15 27.72
CA PRO B 213 -2.36 -12.30 28.87
C PRO B 213 -1.89 -13.02 30.15
N LEU B 214 -1.57 -12.20 31.15
CA LEU B 214 -1.46 -12.65 32.50
C LEU B 214 -2.77 -13.26 32.96
N GLY B 215 -2.77 -13.83 34.15
CA GLY B 215 -3.93 -14.56 34.63
C GLY B 215 -5.20 -13.76 34.56
N GLN B 216 -6.18 -14.27 33.84
CA GLN B 216 -7.43 -13.58 33.61
C GLN B 216 -8.42 -13.62 34.79
N SER B 217 -8.21 -14.56 35.72
CA SER B 217 -9.04 -14.68 36.94
C SER B 217 -8.32 -14.37 38.23
N ILE B 218 -7.09 -13.92 38.15
CA ILE B 218 -6.33 -13.59 39.36
C ILE B 218 -6.72 -12.21 39.88
N PRO B 219 -7.11 -12.11 41.15
CA PRO B 219 -7.51 -10.79 41.67
C PRO B 219 -6.40 -9.75 41.61
N ARG B 220 -6.72 -8.56 41.12
CA ARG B 220 -5.76 -7.45 40.91
C ARG B 220 -6.07 -6.23 41.81
N ARG B 221 -5.11 -5.30 41.99
CA ARG B 221 -5.35 -4.01 42.72
C ARG B 221 -6.01 -2.96 41.84
N GLN C 9 1.32 -14.07 -34.74
CA GLN C 9 1.66 -14.86 -33.50
C GLN C 9 1.75 -13.89 -32.29
N GLY C 10 2.95 -13.55 -31.85
CA GLY C 10 3.14 -12.56 -30.78
C GLY C 10 3.08 -13.25 -29.42
N LEU C 11 2.42 -14.41 -29.33
CA LEU C 11 2.45 -15.21 -28.11
C LEU C 11 3.82 -15.83 -27.98
N ALA C 12 4.35 -16.35 -29.09
CA ALA C 12 5.71 -16.89 -29.09
C ALA C 12 6.70 -15.83 -28.64
N TYR C 14 6.26 -13.12 -26.87
CA TYR C 14 6.08 -12.80 -25.44
C TYR C 14 6.71 -13.83 -24.47
N LEU C 15 6.63 -15.12 -24.80
CA LEU C 15 7.36 -16.19 -24.07
C LEU C 15 8.87 -16.17 -24.32
N GLN C 16 9.32 -15.66 -25.45
CA GLN C 16 10.76 -15.58 -25.73
C GLN C 16 11.41 -14.32 -25.12
N GLU C 17 10.62 -13.27 -24.87
CA GLU C 17 11.11 -12.03 -24.21
C GLU C 17 10.66 -11.97 -22.74
N GLY C 19 13.48 -10.95 -20.62
CA GLY C 19 14.44 -9.89 -20.87
C GLY C 19 14.04 -8.55 -20.28
N ILE C 20 14.88 -7.99 -19.41
CA ILE C 20 14.68 -6.65 -18.86
C ILE C 20 16.03 -5.97 -18.64
N ASP C 21 16.22 -4.81 -19.24
CA ASP C 21 17.46 -4.06 -19.09
C ASP C 21 17.27 -2.83 -18.23
N CYS C 22 18.21 -2.59 -17.33
CA CYS C 22 18.19 -1.37 -16.56
C CYS C 22 18.35 -0.20 -17.52
N PRO C 23 17.50 0.83 -17.40
CA PRO C 23 17.61 1.93 -18.34
C PRO C 23 18.83 2.82 -18.08
N LYS C 24 19.35 2.81 -16.86
CA LYS C 24 20.47 3.65 -16.46
C LYS C 24 21.73 2.77 -16.17
N CYS C 25 21.93 1.73 -16.99
CA CYS C 25 23.02 0.77 -16.80
C CYS C 25 23.88 0.43 -18.01
N LYS C 26 23.57 -0.62 -18.76
CA LYS C 26 22.23 -1.11 -19.04
C LYS C 26 22.30 -2.65 -18.95
N PHE C 27 22.48 -3.06 -17.72
CA PHE C 27 22.65 -4.45 -17.34
C PHE C 27 21.38 -5.20 -17.61
N SER C 28 21.53 -6.36 -18.21
CA SER C 28 20.40 -7.15 -18.62
C SER C 28 20.09 -8.18 -17.55
N TYR C 29 18.83 -8.21 -17.09
CA TYR C 29 18.37 -9.12 -16.06
C TYR C 29 17.33 -10.04 -16.77
N ALA C 30 16.61 -10.89 -16.05
CA ALA C 30 15.63 -11.80 -16.71
C ALA C 30 14.17 -11.65 -16.25
N LEU C 31 13.84 -12.05 -15.01
CA LEU C 31 12.45 -12.06 -14.49
C LEU C 31 11.44 -11.25 -15.32
N GLY C 35 4.35 -10.31 -9.52
CA GLY C 35 4.08 -9.25 -10.49
C GLY C 35 4.35 -7.88 -9.88
N CYS C 36 5.61 -7.62 -9.58
CA CYS C 36 6.01 -6.39 -8.98
C CYS C 36 6.22 -5.43 -10.14
N HIS C 38 7.79 -2.44 -9.87
CA HIS C 38 9.08 -1.78 -9.77
C HIS C 38 10.20 -2.73 -9.57
N PHE C 39 11.37 -2.31 -10.01
CA PHE C 39 12.53 -3.17 -10.06
C PHE C 39 13.71 -2.43 -9.46
N HIS C 40 14.51 -3.13 -8.66
CA HIS C 40 15.74 -2.53 -8.07
C HIS C 40 16.96 -3.01 -8.85
N CYS C 41 17.77 -2.13 -9.42
CA CYS C 41 18.85 -2.65 -10.29
C CYS C 41 19.85 -3.60 -9.66
N THR C 42 20.39 -3.32 -8.50
CA THR C 42 21.50 -4.18 -7.99
C THR C 42 22.87 -3.90 -8.64
N GLN C 43 22.97 -3.73 -9.96
CA GLN C 43 24.21 -3.21 -10.56
C GLN C 43 24.39 -1.72 -10.24
N CYS C 44 23.39 -0.89 -10.55
CA CYS C 44 23.47 0.56 -10.22
C CYS C 44 22.52 1.05 -9.15
N ARG C 45 21.72 0.20 -8.54
CA ARG C 45 20.85 0.73 -7.48
C ARG C 45 19.72 1.73 -7.95
N HIS C 46 19.65 1.98 -9.24
CA HIS C 46 18.47 2.58 -9.82
C HIS C 46 17.18 1.73 -9.61
N GLN C 47 16.05 2.39 -9.39
CA GLN C 47 14.77 1.69 -9.32
C GLN C 47 13.83 2.25 -10.35
N PHE C 48 13.06 1.38 -10.98
CA PHE C 48 12.28 1.83 -12.12
C PHE C 48 11.11 0.89 -12.39
N CYS C 49 10.21 1.32 -13.25
CA CYS C 49 9.05 0.53 -13.61
C CYS C 49 9.48 -0.50 -14.66
N SER C 50 9.13 -1.76 -14.42
CA SER C 50 9.42 -2.79 -15.38
C SER C 50 8.52 -2.69 -16.57
N GLY C 51 7.46 -1.88 -16.48
CA GLY C 51 6.53 -1.78 -17.59
C GLY C 51 6.82 -0.61 -18.49
N CYS C 52 7.23 0.52 -17.91
CA CYS C 52 7.51 1.70 -18.73
C CYS C 52 8.91 2.27 -18.56
N TYR C 53 9.70 1.70 -17.67
CA TYR C 53 11.08 2.14 -17.47
C TYR C 53 11.27 3.51 -16.84
N ASN C 54 10.22 4.19 -16.44
CA ASN C 54 10.39 5.46 -15.73
C ASN C 54 10.87 5.19 -14.32
N ALA C 55 11.36 6.25 -13.70
CA ALA C 55 12.05 6.15 -12.44
C ALA C 55 11.02 5.99 -11.35
N PHE C 56 11.34 5.16 -10.35
CA PHE C 56 10.57 5.13 -9.12
C PHE C 56 11.30 5.98 -8.08
N TYR C 57 10.56 6.82 -7.39
CA TYR C 57 11.13 7.78 -6.47
C TYR C 57 10.74 7.41 -5.07
N ALA C 58 11.73 7.31 -4.20
CA ALA C 58 11.49 7.20 -2.78
C ALA C 58 10.71 8.44 -2.30
N LYS C 59 10.09 8.29 -1.13
CA LYS C 59 9.61 9.43 -0.37
C LYS C 59 10.87 10.22 0.00
N ASN C 60 10.91 11.53 -0.25
CA ASN C 60 10.05 12.26 -1.15
C ASN C 60 11.04 12.99 -2.09
N LYS C 61 11.54 12.20 -3.03
CA LYS C 61 12.60 12.56 -3.96
C LYS C 61 12.04 12.85 -5.36
N CYS C 62 10.72 12.81 -5.54
CA CYS C 62 10.15 12.98 -6.89
C CYS C 62 10.29 14.45 -7.29
N PRO C 63 10.83 14.72 -8.49
CA PRO C 63 11.04 16.07 -8.97
C PRO C 63 9.87 16.67 -9.74
N GLU C 64 8.79 15.93 -9.95
CA GLU C 64 7.64 16.50 -10.66
C GLU C 64 6.95 17.47 -9.72
N PRO C 65 6.81 18.73 -10.14
CA PRO C 65 6.29 19.76 -9.24
C PRO C 65 4.80 19.61 -8.86
N ASN C 66 4.00 18.99 -9.73
CA ASN C 66 2.55 18.86 -9.46
C ASN C 66 2.21 17.59 -8.69
N CYS C 67 3.21 16.82 -8.29
CA CYS C 67 2.97 15.57 -7.57
C CYS C 67 2.65 16.03 -6.13
N ARG C 68 1.47 15.89 -5.55
CA ARG C 68 0.36 15.01 -5.90
C ARG C 68 0.56 13.83 -4.95
N VAL C 69 1.46 12.93 -5.34
CA VAL C 69 1.70 11.71 -4.59
C VAL C 69 3.08 11.68 -3.96
N LYS C 70 3.60 12.85 -3.62
CA LYS C 70 4.87 12.85 -2.95
C LYS C 70 4.60 12.31 -1.56
N LYS C 71 5.65 11.80 -0.95
CA LYS C 71 5.57 11.19 0.36
C LYS C 71 5.31 9.69 0.29
N SER C 72 5.12 9.15 -0.91
CA SER C 72 5.06 7.70 -1.10
C SER C 72 6.05 7.28 -2.17
N LEU C 73 6.56 6.05 -2.07
CA LEU C 73 7.38 5.45 -3.14
C LEU C 73 6.50 5.23 -4.38
N HIS C 74 6.89 5.81 -5.50
CA HIS C 74 6.05 5.77 -6.70
C HIS C 74 6.81 6.18 -7.91
N GLY C 75 6.16 6.02 -9.06
CA GLY C 75 6.67 6.45 -10.34
C GLY C 75 5.51 7.05 -11.11
N HIS C 76 5.82 7.70 -12.21
CA HIS C 76 4.80 8.29 -13.04
C HIS C 76 4.80 7.48 -14.30
N HIS C 77 3.63 6.97 -14.69
CA HIS C 77 3.52 6.08 -15.83
C HIS C 77 2.72 6.66 -16.93
N PRO C 78 3.11 6.35 -18.14
CA PRO C 78 2.27 6.75 -19.24
C PRO C 78 1.03 5.85 -19.24
N ARG C 79 -0.01 6.25 -19.94
CA ARG C 79 -1.31 5.58 -19.86
C ARG C 79 -1.28 4.18 -20.44
N ASP C 80 -0.25 3.83 -21.20
CA ASP C 80 -0.23 2.51 -21.78
C ASP C 80 0.78 1.61 -21.06
N CYS C 81 1.25 2.04 -19.89
CA CYS C 81 2.03 1.14 -19.04
C CYS C 81 1.18 -0.01 -18.49
N LEU C 82 1.80 -1.17 -18.38
CA LEU C 82 1.22 -2.32 -17.71
C LEU C 82 0.70 -1.96 -16.32
N PHE C 83 1.35 -1.00 -15.65
CA PHE C 83 0.93 -0.55 -14.35
C PHE C 83 -0.52 -0.18 -14.37
N TYR C 84 -1.00 0.48 -15.42
CA TYR C 84 -2.45 0.75 -15.57
C TYR C 84 -3.22 -0.36 -16.28
N LEU C 85 -2.70 -0.83 -17.39
CA LEU C 85 -3.47 -1.78 -18.19
C LEU C 85 -3.65 -3.11 -17.52
N ARG C 86 -2.82 -3.46 -16.56
CA ARG C 86 -3.04 -4.68 -15.86
C ARG C 86 -4.37 -4.65 -15.07
N ASP C 87 -4.91 -3.47 -14.81
CA ASP C 87 -6.21 -3.34 -14.15
C ASP C 87 -7.40 -3.51 -15.06
N TRP C 88 -7.24 -3.32 -16.35
CA TRP C 88 -8.32 -3.60 -17.29
C TRP C 88 -8.62 -5.09 -17.31
N THR C 89 -9.86 -5.45 -17.59
CA THR C 89 -10.23 -6.83 -17.82
C THR C 89 -9.62 -7.28 -19.12
N ALA C 90 -9.33 -8.56 -19.22
CA ALA C 90 -8.87 -9.11 -20.48
C ALA C 90 -9.82 -8.69 -21.59
N LEU C 91 -11.12 -8.77 -21.32
CA LEU C 91 -12.16 -8.45 -22.33
C LEU C 91 -11.94 -7.09 -22.94
N ARG C 92 -11.79 -6.10 -22.08
CA ARG C 92 -11.58 -4.76 -22.55
C ARG C 92 -10.26 -4.68 -23.37
N LEU C 93 -9.19 -5.30 -22.88
CA LEU C 93 -7.94 -5.29 -23.59
C LEU C 93 -8.12 -5.97 -24.95
N GLN C 94 -8.82 -7.09 -24.98
CA GLN C 94 -9.17 -7.71 -26.24
C GLN C 94 -9.92 -6.75 -27.17
N LYS C 95 -10.85 -5.96 -26.64
CA LYS C 95 -11.57 -5.02 -27.47
C LYS C 95 -10.65 -4.00 -28.17
N LEU C 96 -9.73 -3.40 -27.43
CA LEU C 96 -8.69 -2.54 -28.04
C LEU C 96 -8.02 -3.27 -29.19
N LEU C 97 -7.65 -4.53 -28.96
CA LEU C 97 -6.91 -5.28 -29.95
C LEU C 97 -7.77 -5.55 -31.22
N GLN C 98 -9.01 -5.94 -31.04
CA GLN C 98 -9.92 -6.15 -32.15
C GLN C 98 -10.13 -4.87 -32.92
N ASP C 99 -10.43 -3.78 -32.22
CA ASP C 99 -10.67 -2.52 -32.89
C ASP C 99 -9.51 -2.10 -33.80
N ASN C 100 -8.29 -2.56 -33.55
CA ASN C 100 -7.17 -2.22 -34.40
C ASN C 100 -6.67 -3.40 -35.21
N ASN C 101 -7.52 -4.41 -35.34
CA ASN C 101 -7.22 -5.59 -36.15
C ASN C 101 -5.92 -6.29 -35.78
N VAL C 102 -5.69 -6.44 -34.48
CA VAL C 102 -4.55 -7.18 -34.03
C VAL C 102 -5.04 -8.49 -33.48
N PHE C 104 -5.05 -12.09 -31.51
CA PHE C 104 -4.59 -12.65 -30.28
C PHE C 104 -5.15 -14.04 -30.06
N ASN C 105 -4.42 -14.85 -29.31
CA ASN C 105 -4.93 -16.16 -28.90
C ASN C 105 -5.85 -16.11 -27.69
N THR C 106 -6.75 -17.06 -27.65
CA THR C 106 -7.55 -17.29 -26.50
C THR C 106 -7.50 -18.82 -26.14
N GLU C 107 -6.99 -19.62 -27.07
CA GLU C 107 -6.70 -21.03 -26.85
C GLU C 107 -5.23 -21.23 -27.06
N PRO C 108 -4.66 -22.24 -26.40
CA PRO C 108 -3.27 -22.58 -26.73
C PRO C 108 -3.13 -23.04 -28.17
N PRO C 109 -2.06 -22.62 -28.88
CA PRO C 109 -1.87 -23.06 -30.28
C PRO C 109 -1.96 -24.59 -30.45
N GLY C 118 1.54 -29.51 -14.83
CA GLY C 118 1.65 -28.69 -16.03
C GLY C 118 1.31 -27.24 -15.69
N GLY C 119 0.19 -26.73 -16.22
CA GLY C 119 -0.24 -25.38 -15.96
C GLY C 119 0.41 -24.31 -16.85
N CYS C 120 0.43 -23.07 -16.37
CA CYS C 120 0.90 -21.94 -17.17
C CYS C 120 2.27 -22.23 -17.76
N ARG C 121 2.49 -21.78 -18.99
CA ARG C 121 3.70 -22.14 -19.77
C ARG C 121 4.85 -21.17 -19.62
N VAL C 122 4.60 -19.97 -19.11
CA VAL C 122 5.64 -18.99 -18.99
C VAL C 122 6.80 -19.45 -18.09
N ILE C 123 8.03 -19.32 -18.58
CA ILE C 123 9.20 -19.70 -17.80
C ILE C 123 9.68 -18.54 -16.93
N GLU C 124 9.89 -18.82 -15.63
CA GLU C 124 10.40 -17.86 -14.67
C GLU C 124 11.76 -18.30 -14.19
N ASP C 134 15.08 -21.77 -13.39
CA ASP C 134 14.25 -21.61 -14.56
C ASP C 134 13.15 -22.66 -14.57
N GLU C 135 11.97 -22.31 -14.07
CA GLU C 135 10.81 -23.21 -14.09
C GLU C 135 9.61 -22.48 -14.69
N ALA C 136 8.70 -23.29 -15.21
CA ALA C 136 7.40 -22.81 -15.67
C ALA C 136 6.60 -22.24 -14.50
N CYS C 137 5.73 -21.28 -14.81
CA CYS C 137 4.80 -20.70 -13.83
C CYS C 137 4.01 -21.80 -13.17
N GLY C 138 3.43 -22.68 -14.00
CA GLY C 138 2.73 -23.86 -13.48
C GLY C 138 1.38 -23.61 -12.84
N LYS C 139 0.98 -22.36 -12.74
CA LYS C 139 -0.32 -22.06 -12.14
C LYS C 139 -1.47 -22.59 -13.01
N GLU C 140 -2.63 -22.73 -12.39
CA GLU C 140 -3.84 -23.11 -13.11
C GLU C 140 -4.09 -22.15 -14.29
N THR C 141 -4.66 -22.69 -15.35
CA THR C 141 -4.85 -21.93 -16.59
C THR C 141 -6.35 -21.91 -16.91
N PRO C 142 -7.02 -20.81 -16.55
CA PRO C 142 -8.42 -20.69 -16.86
C PRO C 142 -8.74 -20.71 -18.35
N ALA C 143 -9.98 -21.04 -18.59
CA ALA C 143 -10.53 -21.17 -19.90
C ALA C 143 -10.56 -19.80 -20.57
N GLY C 144 -10.01 -19.71 -21.77
CA GLY C 144 -9.98 -18.44 -22.53
C GLY C 144 -8.67 -17.67 -22.42
N TYR C 145 -7.79 -18.12 -21.55
CA TYR C 145 -6.55 -17.38 -21.34
C TYR C 145 -5.40 -18.03 -22.06
N ALA C 146 -5.70 -18.63 -23.21
CA ALA C 146 -4.75 -19.40 -23.99
C ALA C 146 -4.10 -20.36 -23.01
N GLY C 147 -2.84 -20.73 -23.13
CA GLY C 147 -2.44 -21.72 -22.11
C GLY C 147 -1.84 -21.11 -20.85
N LEU C 148 -2.25 -19.89 -20.49
CA LEU C 148 -1.57 -19.07 -19.44
C LEU C 148 -2.45 -18.83 -18.23
N CYS C 149 -1.82 -18.44 -17.12
CA CYS C 149 -2.58 -17.98 -15.97
C CYS C 149 -3.09 -16.57 -16.25
N GLN C 150 -4.07 -16.15 -15.45
CA GLN C 150 -4.71 -14.88 -15.69
C GLN C 150 -3.72 -13.70 -15.80
N ALA C 151 -2.87 -13.54 -14.80
CA ALA C 151 -1.92 -12.49 -14.76
C ALA C 151 -0.99 -12.58 -16.00
N HIS C 152 -0.49 -13.77 -16.36
CA HIS C 152 0.39 -13.84 -17.54
C HIS C 152 -0.28 -13.59 -18.90
N TYR C 153 -1.51 -14.04 -19.02
CA TYR C 153 -2.31 -13.77 -20.17
C TYR C 153 -2.46 -12.29 -20.37
N LYS C 154 -2.68 -11.59 -19.28
CA LYS C 154 -2.84 -10.17 -19.35
C LYS C 154 -1.58 -9.46 -19.73
N GLU C 155 -0.43 -9.89 -19.25
CA GLU C 155 0.87 -9.36 -19.75
C GLU C 155 1.03 -9.62 -21.24
N TYR C 156 0.53 -10.76 -21.71
CA TYR C 156 0.61 -11.11 -23.12
C TYR C 156 -0.16 -10.11 -23.93
N LEU C 157 -1.42 -9.91 -23.56
CA LEU C 157 -2.24 -8.90 -24.23
C LEU C 157 -1.61 -7.52 -24.22
N VAL C 158 -1.22 -7.05 -23.05
CA VAL C 158 -0.56 -5.73 -22.98
C VAL C 158 0.70 -5.74 -23.86
N SER C 159 1.42 -6.83 -23.92
CA SER C 159 2.62 -6.82 -24.75
C SER C 159 2.21 -6.60 -26.22
N LEU C 160 1.06 -7.12 -26.61
CA LEU C 160 0.58 -6.88 -27.98
C LEU C 160 0.16 -5.44 -28.17
N ILE C 161 -0.60 -4.91 -27.23
CA ILE C 161 -0.98 -3.50 -27.28
C ILE C 161 0.24 -2.58 -27.38
N ASN C 162 1.26 -2.87 -26.59
CA ASN C 162 2.45 -2.04 -26.60
C ASN C 162 3.24 -2.20 -27.88
N ALA C 163 3.36 -3.44 -28.34
CA ALA C 163 4.14 -3.71 -29.54
C ALA C 163 3.61 -2.89 -30.70
N HIS C 164 2.30 -2.78 -30.80
CA HIS C 164 1.69 -2.06 -31.93
C HIS C 164 1.36 -0.62 -31.62
N SER C 165 1.81 -0.08 -30.49
CA SER C 165 1.53 1.31 -30.14
C SER C 165 0.04 1.63 -30.09
N LEU C 166 -0.78 0.74 -29.62
CA LEU C 166 -2.19 1.05 -29.53
C LEU C 166 -2.46 1.99 -28.37
N ASP C 167 -3.36 2.96 -28.58
CA ASP C 167 -3.70 3.94 -27.59
C ASP C 167 -5.00 3.58 -26.82
N PRO C 168 -4.87 3.27 -25.51
CA PRO C 168 -6.01 2.91 -24.68
C PRO C 168 -7.02 4.02 -24.53
N ALA C 169 -6.57 5.26 -24.62
CA ALA C 169 -7.45 6.40 -24.45
C ALA C 169 -8.61 6.33 -25.43
N THR C 170 -8.43 5.65 -26.56
CA THR C 170 -9.54 5.50 -27.51
C THR C 170 -10.74 4.70 -27.00
N LEU C 171 -10.62 4.03 -25.87
CA LEU C 171 -11.79 3.33 -25.29
C LEU C 171 -12.24 4.02 -24.04
N TYR C 172 -11.63 5.14 -23.68
CA TYR C 172 -12.00 5.81 -22.46
C TYR C 172 -13.39 6.39 -22.55
N GLU C 173 -14.13 6.20 -21.47
CA GLU C 173 -15.31 6.97 -21.20
C GLU C 173 -14.88 8.35 -20.74
N VAL C 174 -15.82 9.30 -20.75
CA VAL C 174 -15.53 10.70 -20.44
C VAL C 174 -14.77 10.90 -19.14
N GLU C 175 -15.13 10.10 -18.15
CA GLU C 175 -14.60 10.29 -16.80
C GLU C 175 -13.15 9.82 -16.72
N GLU C 176 -12.82 8.79 -17.49
CA GLU C 176 -11.43 8.35 -17.55
C GLU C 176 -10.64 9.40 -18.32
N LEU C 177 -11.27 9.98 -19.35
CA LEU C 177 -10.68 11.09 -20.08
C LEU C 177 -10.46 12.28 -19.14
N GLU C 178 -11.41 12.58 -18.29
CA GLU C 178 -11.21 13.68 -17.31
C GLU C 178 -10.07 13.40 -16.33
N THR C 179 -10.02 12.19 -15.80
CA THR C 179 -8.94 11.76 -14.93
C THR C 179 -7.61 11.84 -15.66
N ALA C 180 -7.58 11.40 -16.90
CA ALA C 180 -6.37 11.45 -17.70
C ALA C 180 -5.87 12.87 -17.90
N THR C 181 -6.78 13.79 -18.17
CA THR C 181 -6.36 15.13 -18.44
C THR C 181 -5.86 15.74 -17.17
N GLU C 182 -6.47 15.41 -16.06
CA GLU C 182 -5.97 15.91 -14.79
C GLU C 182 -4.61 15.29 -14.48
N ARG C 183 -4.45 13.98 -14.67
CA ARG C 183 -3.16 13.35 -14.37
C ARG C 183 -1.99 13.79 -15.27
N TYR C 184 -2.21 13.92 -16.57
CA TYR C 184 -1.12 14.21 -17.49
C TYR C 184 -0.97 15.66 -17.86
N LEU C 185 -2.04 16.46 -17.78
CA LEU C 185 -1.94 17.86 -18.15
C LEU C 185 -2.21 18.80 -16.97
N HIS C 186 -2.50 18.24 -15.80
CA HIS C 186 -2.63 19.01 -14.55
C HIS C 186 -3.71 20.07 -14.62
N VAL C 187 -4.76 19.79 -15.38
CA VAL C 187 -5.90 20.68 -15.41
C VAL C 187 -7.19 19.87 -15.27
N ARG C 188 -8.14 20.42 -14.53
CA ARG C 188 -9.48 19.84 -14.39
C ARG C 188 -10.32 20.33 -15.56
N PRO C 189 -10.55 19.50 -16.58
CA PRO C 189 -11.38 20.00 -17.68
C PRO C 189 -12.86 20.14 -17.35
N GLN C 190 -13.62 20.72 -18.25
CA GLN C 190 -15.00 21.06 -18.02
C GLN C 190 -15.68 21.21 -19.37
N PRO C 191 -16.90 20.72 -19.49
CA PRO C 191 -17.61 20.91 -20.77
C PRO C 191 -17.84 22.39 -21.06
N LEU C 192 -17.63 22.80 -22.31
CA LEU C 192 -17.98 24.17 -22.73
C LEU C 192 -19.50 24.27 -22.87
N ALA C 193 -20.00 25.49 -22.93
CA ALA C 193 -21.43 25.76 -23.05
C ALA C 193 -22.03 25.19 -24.36
N GLY C 194 -23.13 24.46 -24.23
CA GLY C 194 -23.75 23.77 -25.37
C GLY C 194 -22.85 22.78 -26.10
N GLU C 195 -21.90 22.21 -25.38
CA GLU C 195 -21.08 21.11 -25.87
C GLU C 195 -21.75 19.86 -25.33
N ASP C 196 -22.22 18.99 -26.21
CA ASP C 196 -22.83 17.73 -25.78
C ASP C 196 -21.74 16.74 -25.29
N PRO C 197 -22.14 15.67 -24.57
CA PRO C 197 -21.13 14.70 -24.12
C PRO C 197 -20.22 14.11 -25.19
N PRO C 198 -20.75 13.80 -26.39
CA PRO C 198 -19.88 13.31 -27.48
C PRO C 198 -18.78 14.28 -27.96
N ALA C 199 -19.13 15.56 -28.09
CA ALA C 199 -18.17 16.59 -28.50
C ALA C 199 -17.13 16.78 -27.40
N TYR C 200 -17.61 16.80 -26.16
CA TYR C 200 -16.73 16.93 -25.00
C TYR C 200 -15.70 15.80 -25.01
N GLN C 201 -16.18 14.59 -25.30
CA GLN C 201 -15.33 13.43 -25.32
C GLN C 201 -14.28 13.56 -26.40
N ALA C 202 -14.74 13.91 -27.60
CA ALA C 202 -13.83 14.11 -28.73
C ALA C 202 -12.79 15.17 -28.43
N ARG C 203 -13.17 16.25 -27.76
CA ARG C 203 -12.22 17.30 -27.50
C ARG C 203 -11.15 16.85 -26.49
N LEU C 204 -11.59 16.14 -25.47
CA LEU C 204 -10.68 15.59 -24.47
C LEU C 204 -9.73 14.56 -25.05
N LEU C 205 -10.26 13.67 -25.85
CA LEU C 205 -9.44 12.66 -26.47
C LEU C 205 -8.41 13.32 -27.38
N GLN C 206 -8.86 14.27 -28.17
CA GLN C 206 -7.98 14.94 -29.11
C GLN C 206 -6.85 15.65 -28.40
N LYS C 207 -7.17 16.45 -27.40
CA LYS C 207 -6.17 17.22 -26.70
C LYS C 207 -5.18 16.26 -26.05
N LEU C 208 -5.71 15.17 -25.51
CA LEU C 208 -4.88 14.18 -24.85
C LEU C 208 -3.91 13.47 -25.80
N THR C 209 -4.41 13.07 -26.95
CA THR C 209 -3.57 12.41 -27.93
C THR C 209 -2.55 13.37 -28.56
N GLU C 210 -2.91 14.64 -28.77
CA GLU C 210 -1.98 15.60 -29.33
C GLU C 210 -0.82 15.90 -28.36
N GLU C 211 -1.16 16.11 -27.10
CA GLU C 211 -0.20 16.70 -26.16
C GLU C 211 0.51 15.68 -25.31
N VAL C 212 0.05 14.44 -25.24
CA VAL C 212 0.72 13.51 -24.34
C VAL C 212 0.96 12.16 -24.98
N PRO C 213 2.23 11.88 -25.25
CA PRO C 213 2.57 10.68 -26.00
C PRO C 213 2.36 9.45 -25.17
N LEU C 214 2.16 8.34 -25.87
CA LEU C 214 2.28 7.05 -25.26
C LEU C 214 3.67 6.88 -24.68
N GLY C 215 3.90 5.79 -23.97
CA GLY C 215 5.16 5.57 -23.33
C GLY C 215 6.39 5.72 -24.24
N GLN C 216 7.29 6.62 -23.89
CA GLN C 216 8.44 6.96 -24.69
C GLN C 216 9.58 5.95 -24.61
N SER C 217 9.60 5.13 -23.56
CA SER C 217 10.62 4.10 -23.40
C SER C 217 10.10 2.67 -23.49
N ILE C 218 8.83 2.50 -23.82
CA ILE C 218 8.28 1.17 -23.97
C ILE C 218 8.71 0.56 -25.30
N PRO C 219 9.30 -0.63 -25.28
CA PRO C 219 9.71 -1.25 -26.56
C PRO C 219 8.54 -1.49 -27.52
N ARG C 220 8.73 -1.09 -28.78
CA ARG C 220 7.71 -1.16 -29.86
C ARG C 220 8.09 -2.11 -31.01
N ARG C 221 7.11 -2.49 -31.85
CA ARG C 221 7.27 -3.15 -33.17
C ARG C 221 7.92 -4.52 -33.03
N GLY D 10 11.89 32.21 -26.18
CA GLY D 10 10.41 32.42 -26.26
C GLY D 10 10.03 33.59 -27.17
N LEU D 11 10.92 34.56 -27.36
CA LEU D 11 10.71 35.62 -28.37
C LEU D 11 10.86 35.04 -29.77
N ALA D 12 11.89 34.21 -29.97
CA ALA D 12 12.06 33.48 -31.23
C ALA D 12 10.82 32.62 -31.56
N TYR D 14 7.72 32.95 -30.51
CA TYR D 14 6.58 33.80 -30.82
C TYR D 14 6.58 34.36 -32.26
N LEU D 15 7.75 34.74 -32.76
CA LEU D 15 7.93 35.14 -34.17
C LEU D 15 7.84 33.97 -35.15
N GLN D 16 8.13 32.76 -34.70
CA GLN D 16 7.99 31.58 -35.55
C GLN D 16 6.55 31.07 -35.55
N GLU D 17 5.78 31.41 -34.52
CA GLU D 17 4.37 31.09 -34.41
C GLU D 17 3.53 32.33 -34.79
N GLY D 19 0.88 31.18 -37.27
CA GLY D 19 0.12 29.94 -37.23
C GLY D 19 -1.19 30.05 -36.47
N ILE D 20 -2.31 29.78 -37.15
CA ILE D 20 -3.65 29.74 -36.54
C ILE D 20 -4.46 28.64 -37.20
N ASP D 21 -4.88 27.62 -36.46
CA ASP D 21 -5.71 26.54 -37.04
C ASP D 21 -7.15 26.65 -36.58
N CYS D 22 -8.07 26.48 -37.51
CA CYS D 22 -9.47 26.47 -37.16
C CYS D 22 -9.70 25.30 -36.23
N PRO D 23 -10.35 25.55 -35.08
CA PRO D 23 -10.59 24.45 -34.16
C PRO D 23 -11.57 23.41 -34.67
N LYS D 24 -12.44 23.78 -35.60
CA LYS D 24 -13.35 22.80 -36.18
C LYS D 24 -12.73 22.07 -37.36
N CYS D 25 -12.55 22.74 -38.49
CA CYS D 25 -12.07 22.05 -39.68
C CYS D 25 -10.56 21.75 -39.66
N LYS D 26 -9.77 22.38 -38.78
CA LYS D 26 -8.31 22.17 -38.69
C LYS D 26 -7.50 22.78 -39.83
N PHE D 27 -8.11 23.58 -40.71
CA PHE D 27 -7.41 24.30 -41.77
C PHE D 27 -6.46 25.30 -41.14
N SER D 28 -5.23 25.35 -41.64
CA SER D 28 -4.21 26.19 -41.07
C SER D 28 -4.13 27.50 -41.84
N TYR D 29 -4.22 28.62 -41.12
CA TYR D 29 -4.18 29.95 -41.71
C TYR D 29 -2.89 30.60 -41.14
N ALA D 30 -2.65 31.90 -41.35
CA ALA D 30 -1.44 32.56 -40.80
C ALA D 30 -1.73 33.92 -40.12
N GLY D 35 -5.13 41.96 -35.78
CA GLY D 35 -5.51 42.71 -34.55
C GLY D 35 -6.98 42.58 -34.11
N CYS D 36 -7.75 41.77 -34.80
CA CYS D 36 -9.10 41.43 -34.39
C CYS D 36 -8.98 40.26 -33.45
N HIS D 38 -11.54 38.08 -33.04
CA HIS D 38 -12.27 36.98 -33.67
C HIS D 38 -11.88 36.73 -35.11
N PHE D 39 -12.08 35.49 -35.55
CA PHE D 39 -11.56 35.02 -36.81
C PHE D 39 -12.65 34.27 -37.53
N HIS D 40 -12.76 34.49 -38.84
CA HIS D 40 -13.78 33.82 -39.63
C HIS D 40 -13.11 32.74 -40.43
N CYS D 41 -13.49 31.48 -40.28
CA CYS D 41 -12.83 30.43 -41.05
C CYS D 41 -13.45 30.47 -42.42
N THR D 42 -12.62 30.59 -43.43
CA THR D 42 -13.10 30.75 -44.79
C THR D 42 -13.43 29.34 -45.33
N GLN D 43 -12.79 28.33 -44.75
CA GLN D 43 -13.06 26.94 -45.12
C GLN D 43 -14.40 26.48 -44.59
N CYS D 44 -14.63 26.58 -43.28
CA CYS D 44 -15.92 26.14 -42.71
C CYS D 44 -16.83 27.25 -42.20
N ARG D 45 -16.46 28.52 -42.33
CA ARG D 45 -17.34 29.63 -41.86
C ARG D 45 -17.60 29.63 -40.35
N HIS D 46 -16.94 28.74 -39.60
CA HIS D 46 -16.84 28.87 -38.13
C HIS D 46 -16.17 30.19 -37.74
N GLN D 47 -16.63 30.80 -36.66
CA GLN D 47 -15.98 31.99 -36.13
C GLN D 47 -15.58 31.77 -34.69
N PHE D 48 -14.40 32.25 -34.33
CA PHE D 48 -13.81 31.89 -33.07
C PHE D 48 -12.76 32.90 -32.59
N CYS D 49 -12.36 32.80 -31.32
CA CYS D 49 -11.39 33.71 -30.74
C CYS D 49 -10.02 33.25 -31.14
N SER D 50 -9.21 34.15 -31.63
CA SER D 50 -7.84 33.81 -32.03
C SER D 50 -6.95 33.67 -30.83
N GLY D 51 -7.45 34.06 -29.67
CA GLY D 51 -6.66 33.95 -28.46
C GLY D 51 -6.97 32.70 -27.66
N CYS D 52 -8.24 32.30 -27.61
CA CYS D 52 -8.61 31.12 -26.79
C CYS D 52 -9.35 30.06 -27.57
N TYR D 53 -9.65 30.30 -28.83
CA TYR D 53 -10.30 29.31 -29.70
C TYR D 53 -11.73 28.97 -29.38
N ASN D 54 -12.33 29.64 -28.40
CA ASN D 54 -13.75 29.46 -28.15
C ASN D 54 -14.59 30.10 -29.26
N ALA D 55 -15.83 29.69 -29.31
CA ALA D 55 -16.71 30.02 -30.40
C ALA D 55 -17.17 31.44 -30.23
N PHE D 56 -17.27 32.17 -31.33
CA PHE D 56 -17.95 33.48 -31.31
C PHE D 56 -19.37 33.26 -31.79
N TYR D 57 -20.32 33.83 -31.09
CA TYR D 57 -21.72 33.61 -31.37
C TYR D 57 -22.34 34.88 -31.89
N ALA D 58 -23.02 34.75 -33.03
CA ALA D 58 -23.86 35.82 -33.52
C ALA D 58 -24.94 36.15 -32.49
N LYS D 59 -25.50 37.34 -32.63
CA LYS D 59 -26.78 37.67 -32.02
C LYS D 59 -27.79 36.69 -32.63
N ASN D 60 -28.58 35.97 -31.85
CA ASN D 60 -28.40 35.74 -30.42
C ASN D 60 -28.46 34.22 -30.29
N LYS D 61 -27.35 33.60 -30.66
CA LYS D 61 -27.22 32.17 -30.81
C LYS D 61 -26.30 31.57 -29.71
N CYS D 62 -25.93 32.38 -28.71
CA CYS D 62 -25.07 31.88 -27.64
C CYS D 62 -25.87 30.94 -26.74
N PRO D 63 -25.34 29.72 -26.49
CA PRO D 63 -26.05 28.73 -25.71
C PRO D 63 -25.80 28.81 -24.20
N GLU D 64 -24.92 29.69 -23.72
CA GLU D 64 -24.68 29.76 -22.28
C GLU D 64 -25.91 30.46 -21.67
N PRO D 65 -26.60 29.78 -20.72
CA PRO D 65 -27.88 30.30 -20.20
C PRO D 65 -27.77 31.60 -19.37
N ASN D 66 -26.63 31.84 -18.74
CA ASN D 66 -26.45 33.04 -17.90
C ASN D 66 -25.95 34.28 -18.68
N CYS D 67 -25.82 34.18 -20.00
CA CYS D 67 -25.37 35.31 -20.80
C CYS D 67 -26.60 36.23 -20.93
N ARG D 68 -26.69 37.45 -20.37
CA ARG D 68 -25.62 38.32 -19.91
C ARG D 68 -25.40 39.28 -21.09
N VAL D 69 -24.67 38.82 -22.09
CA VAL D 69 -24.33 39.60 -23.28
C VAL D 69 -24.99 39.05 -24.56
N LYS D 70 -26.17 38.46 -24.39
CA LYS D 70 -26.97 37.99 -25.51
C LYS D 70 -27.33 39.21 -26.32
N LYS D 71 -27.50 39.03 -27.61
CA LYS D 71 -27.91 40.13 -28.49
C LYS D 71 -26.72 40.82 -29.18
N SER D 72 -25.49 40.52 -28.76
CA SER D 72 -24.31 41.05 -29.41
C SER D 72 -23.43 39.90 -29.87
N LEU D 73 -22.69 40.13 -30.94
CA LEU D 73 -21.69 39.17 -31.42
C LEU D 73 -20.57 39.10 -30.36
N HIS D 74 -20.30 37.92 -29.83
CA HIS D 74 -19.35 37.77 -28.74
C HIS D 74 -18.96 36.33 -28.55
N GLY D 75 -17.96 36.13 -27.68
CA GLY D 75 -17.53 34.81 -27.26
C GLY D 75 -17.25 34.85 -25.78
N HIS D 76 -17.04 33.71 -25.18
CA HIS D 76 -16.75 33.64 -23.75
C HIS D 76 -15.34 33.18 -23.60
N HIS D 77 -14.54 33.94 -22.87
CA HIS D 77 -13.13 33.72 -22.81
C HIS D 77 -12.68 33.35 -21.43
N PRO D 78 -11.72 32.45 -21.33
CA PRO D 78 -11.12 32.19 -20.04
C PRO D 78 -10.28 33.39 -19.64
N ARG D 79 -9.97 33.51 -18.35
CA ARG D 79 -9.35 34.72 -17.83
C ARG D 79 -7.92 34.96 -18.36
N ASP D 80 -7.31 33.96 -18.96
CA ASP D 80 -5.96 34.15 -19.46
C ASP D 80 -5.94 34.34 -20.98
N CYS D 81 -7.11 34.58 -21.59
CA CYS D 81 -7.16 34.86 -23.03
C CYS D 81 -6.59 36.25 -23.29
N LEU D 82 -5.93 36.37 -24.44
CA LEU D 82 -5.40 37.64 -24.91
C LEU D 82 -6.50 38.69 -24.93
N PHE D 83 -7.74 38.25 -25.18
CA PHE D 83 -8.88 39.15 -25.14
C PHE D 83 -8.87 39.96 -23.87
N TYR D 84 -8.56 39.37 -22.71
CA TYR D 84 -8.47 40.14 -21.44
C TYR D 84 -7.08 40.66 -21.16
N LEU D 85 -6.07 39.82 -21.31
CA LEU D 85 -4.72 40.24 -20.94
C LEU D 85 -4.17 41.35 -21.84
N ARG D 86 -4.68 41.51 -23.05
CA ARG D 86 -4.20 42.62 -23.85
C ARG D 86 -4.57 43.98 -23.22
N ASP D 87 -5.54 44.00 -22.31
CA ASP D 87 -5.92 45.21 -21.58
C ASP D 87 -4.97 45.52 -20.38
N TRP D 88 -4.20 44.54 -19.90
CA TRP D 88 -3.18 44.82 -18.88
C TRP D 88 -2.05 45.64 -19.45
N THR D 89 -1.38 46.43 -18.61
CA THR D 89 -0.16 47.11 -18.98
C THR D 89 0.93 46.08 -19.12
N ALA D 90 1.89 46.34 -19.99
CA ALA D 90 3.05 45.50 -20.09
C ALA D 90 3.64 45.28 -18.69
N LEU D 91 3.72 46.35 -17.91
CA LEU D 91 4.31 46.29 -16.57
C LEU D 91 3.67 45.17 -15.75
N ARG D 92 2.35 45.19 -15.69
CA ARG D 92 1.65 44.23 -14.90
C ARG D 92 1.88 42.80 -15.44
N LEU D 93 1.83 42.64 -16.74
CA LEU D 93 2.15 41.35 -17.32
C LEU D 93 3.57 40.93 -16.93
N GLN D 94 4.52 41.86 -17.03
CA GLN D 94 5.89 41.55 -16.62
C GLN D 94 5.91 41.08 -15.19
N LYS D 95 5.13 41.71 -14.33
CA LYS D 95 5.12 41.31 -12.91
C LYS D 95 4.68 39.84 -12.72
N LEU D 96 3.62 39.44 -13.40
CA LEU D 96 3.25 38.03 -13.43
C LEU D 96 4.43 37.16 -13.82
N LEU D 97 5.15 37.58 -14.86
CA LEU D 97 6.23 36.76 -15.40
C LEU D 97 7.40 36.66 -14.43
N GLN D 98 7.76 37.78 -13.81
CA GLN D 98 8.80 37.78 -12.79
C GLN D 98 8.41 36.92 -11.61
N ASP D 99 7.20 37.10 -11.11
CA ASP D 99 6.75 36.32 -9.94
C ASP D 99 6.87 34.81 -10.16
N ASN D 100 6.84 34.35 -11.40
CA ASN D 100 6.94 32.93 -11.66
C ASN D 100 8.24 32.57 -12.33
N ASN D 101 9.23 33.47 -12.23
CA ASN D 101 10.57 33.23 -12.73
C ASN D 101 10.62 32.86 -14.19
N VAL D 102 9.86 33.60 -15.00
CA VAL D 102 9.91 33.41 -16.43
C VAL D 102 10.60 34.61 -17.03
N PHE D 104 11.91 37.26 -19.78
CA PHE D 104 11.42 37.96 -20.95
C PHE D 104 12.37 39.05 -21.39
N ASN D 105 12.35 39.35 -22.68
CA ASN D 105 13.14 40.44 -23.21
C ASN D 105 12.47 41.78 -23.01
N THR D 106 13.30 42.79 -22.87
CA THR D 106 12.84 44.14 -22.91
C THR D 106 13.70 44.95 -23.94
N GLU D 107 14.83 44.36 -24.35
CA GLU D 107 15.65 44.87 -25.41
C GLU D 107 15.73 43.81 -26.52
N PRO D 108 15.95 44.24 -27.77
CA PRO D 108 16.14 43.26 -28.84
C PRO D 108 17.40 42.45 -28.58
N PRO D 109 17.37 41.13 -28.83
CA PRO D 109 18.58 40.30 -28.62
C PRO D 109 19.81 40.86 -29.36
N GLY D 118 13.10 49.49 -41.14
CA GLY D 118 13.23 48.95 -39.79
C GLY D 118 11.89 48.90 -39.08
N GLY D 119 11.84 49.28 -37.80
CA GLY D 119 10.61 49.21 -37.01
C GLY D 119 10.29 47.80 -36.54
N CYS D 120 9.05 47.57 -36.13
CA CYS D 120 8.67 46.28 -35.53
C CYS D 120 9.06 45.10 -36.43
N ARG D 121 9.51 44.02 -35.80
CA ARG D 121 10.15 42.87 -36.47
C ARG D 121 9.14 41.81 -36.92
N VAL D 122 7.96 41.81 -36.33
CA VAL D 122 7.00 40.75 -36.58
C VAL D 122 6.56 40.75 -38.06
N ILE D 123 6.62 39.58 -38.67
CA ILE D 123 6.18 39.42 -40.04
C ILE D 123 4.69 39.14 -40.07
N GLU D 124 3.96 39.88 -40.89
CA GLU D 124 2.50 39.65 -41.05
C GLU D 124 2.04 39.77 -42.52
N ASP D 134 2.89 39.61 -47.44
CA ASP D 134 3.81 39.06 -46.45
C ASP D 134 5.04 39.98 -46.11
N GLU D 135 4.90 40.83 -45.09
CA GLU D 135 5.94 41.82 -44.72
C GLU D 135 6.03 42.11 -43.19
N ALA D 136 7.09 42.82 -42.77
CA ALA D 136 7.26 43.21 -41.37
C ALA D 136 6.21 44.23 -40.97
N CYS D 137 5.87 44.23 -39.68
CA CYS D 137 4.95 45.21 -39.12
C CYS D 137 5.44 46.60 -39.44
N GLY D 138 6.72 46.84 -39.13
CA GLY D 138 7.36 48.12 -39.40
C GLY D 138 6.95 49.33 -38.52
N LYS D 139 6.04 49.14 -37.61
CA LYS D 139 5.62 50.24 -36.77
C LYS D 139 6.73 50.69 -35.84
N GLU D 140 6.59 51.89 -35.30
CA GLU D 140 7.57 52.42 -34.36
C GLU D 140 7.70 51.48 -33.17
N THR D 141 8.89 51.44 -32.58
CA THR D 141 9.20 50.46 -31.53
C THR D 141 9.63 51.21 -30.29
N PRO D 142 8.71 51.40 -29.34
CA PRO D 142 9.04 52.14 -28.15
C PRO D 142 10.05 51.44 -27.28
N ALA D 143 10.65 52.25 -26.44
CA ALA D 143 11.69 51.84 -25.52
C ALA D 143 11.14 50.82 -24.53
N GLY D 144 11.84 49.70 -24.40
CA GLY D 144 11.46 48.68 -23.44
C GLY D 144 10.59 47.57 -24.02
N TYR D 145 10.18 47.72 -25.28
CA TYR D 145 9.30 46.73 -25.86
C TYR D 145 10.07 45.81 -26.74
N ALA D 146 11.32 45.53 -26.34
CA ALA D 146 12.23 44.71 -27.15
C ALA D 146 12.19 45.27 -28.56
N GLY D 147 12.32 44.50 -29.61
CA GLY D 147 12.31 45.23 -30.90
C GLY D 147 10.95 45.40 -31.53
N LEU D 148 9.89 45.47 -30.73
CA LEU D 148 8.50 45.34 -31.23
C LEU D 148 7.67 46.56 -30.97
N CYS D 149 6.53 46.68 -31.65
CA CYS D 149 5.54 47.72 -31.33
C CYS D 149 4.80 47.32 -30.07
N GLN D 150 4.11 48.29 -29.48
CA GLN D 150 3.42 48.06 -28.21
C GLN D 150 2.47 46.86 -28.25
N ALA D 151 1.60 46.82 -29.24
CA ALA D 151 0.63 45.75 -29.36
C ALA D 151 1.35 44.39 -29.56
N HIS D 152 2.40 44.33 -30.39
CA HIS D 152 3.08 43.02 -30.61
C HIS D 152 3.90 42.53 -29.42
N TYR D 153 4.48 43.48 -28.70
CA TYR D 153 5.19 43.17 -27.49
C TYR D 153 4.24 42.51 -26.53
N LYS D 154 3.05 43.06 -26.45
CA LYS D 154 2.07 42.56 -25.53
C LYS D 154 1.63 41.16 -25.90
N GLU D 155 1.43 40.87 -27.18
CA GLU D 155 1.17 39.50 -27.62
C GLU D 155 2.31 38.58 -27.24
N TYR D 156 3.54 39.09 -27.28
CA TYR D 156 4.69 38.30 -26.93
C TYR D 156 4.62 37.90 -25.47
N LEU D 157 4.45 38.89 -24.59
CA LEU D 157 4.31 38.61 -23.17
C LEU D 157 3.17 37.65 -22.85
N VAL D 158 2.00 37.92 -23.39
CA VAL D 158 0.90 36.98 -23.22
C VAL D 158 1.29 35.59 -23.74
N SER D 159 2.01 35.52 -24.85
CA SER D 159 2.36 34.20 -25.37
C SER D 159 3.22 33.46 -24.33
N LEU D 160 4.02 34.20 -23.57
CA LEU D 160 4.83 33.58 -22.53
C LEU D 160 3.97 33.13 -21.34
N ILE D 161 3.12 34.02 -20.89
CA ILE D 161 2.19 33.69 -19.83
C ILE D 161 1.37 32.44 -20.20
N ASN D 162 0.91 32.36 -21.41
CA ASN D 162 0.11 31.22 -21.82
C ASN D 162 0.96 29.97 -21.95
N ALA D 163 2.14 30.10 -22.53
CA ALA D 163 2.99 28.94 -22.72
C ALA D 163 3.22 28.25 -21.39
N HIS D 164 3.42 29.03 -20.34
CA HIS D 164 3.75 28.46 -19.03
C HIS D 164 2.54 28.25 -18.13
N SER D 165 1.32 28.41 -18.65
CA SER D 165 0.12 28.27 -17.83
C SER D 165 0.12 29.18 -16.59
N LEU D 166 0.60 30.39 -16.68
CA LEU D 166 0.56 31.27 -15.53
C LEU D 166 -0.84 31.81 -15.31
N ASP D 167 -1.25 31.91 -14.06
CA ASP D 167 -2.60 32.33 -13.72
C ASP D 167 -2.62 33.81 -13.33
N PRO D 168 -3.32 34.62 -14.10
CA PRO D 168 -3.41 36.06 -13.84
C PRO D 168 -4.14 36.38 -12.59
N ALA D 169 -5.05 35.51 -12.21
CA ALA D 169 -5.85 35.75 -11.01
C ALA D 169 -4.97 35.99 -9.81
N THR D 170 -3.77 35.43 -9.80
CA THR D 170 -2.84 35.67 -8.69
C THR D 170 -2.42 37.12 -8.46
N LEU D 171 -2.73 38.04 -9.40
CA LEU D 171 -2.43 39.46 -9.20
C LEU D 171 -3.69 40.26 -9.08
N TYR D 172 -4.83 39.61 -9.08
CA TYR D 172 -6.06 40.33 -9.00
C TYR D 172 -6.17 41.01 -7.66
N GLU D 173 -6.64 42.25 -7.66
CA GLU D 173 -7.21 42.85 -6.46
C GLU D 173 -8.59 42.23 -6.22
N VAL D 174 -9.12 42.51 -5.04
CA VAL D 174 -10.40 41.93 -4.62
C VAL D 174 -11.53 42.13 -5.64
N GLU D 175 -11.57 43.31 -6.26
CA GLU D 175 -12.70 43.68 -7.11
C GLU D 175 -12.66 42.96 -8.45
N GLU D 176 -11.46 42.66 -8.92
CA GLU D 176 -11.32 41.85 -10.11
C GLU D 176 -11.71 40.42 -9.74
N LEU D 177 -11.33 40.00 -8.54
CA LEU D 177 -11.70 38.68 -8.03
C LEU D 177 -13.23 38.60 -7.94
N GLU D 178 -13.87 39.65 -7.44
CA GLU D 178 -15.33 39.65 -7.40
C GLU D 178 -15.97 39.55 -8.79
N THR D 179 -15.47 40.35 -9.71
CA THR D 179 -15.93 40.31 -11.08
C THR D 179 -15.73 38.93 -11.65
N ALA D 180 -14.56 38.34 -11.40
CA ALA D 180 -14.23 37.01 -11.91
C ALA D 180 -15.19 35.97 -11.40
N THR D 181 -15.48 36.02 -10.10
CA THR D 181 -16.34 34.99 -9.58
C THR D 181 -17.73 35.17 -10.10
N GLU D 182 -18.16 36.40 -10.31
CA GLU D 182 -19.47 36.59 -10.93
C GLU D 182 -19.49 36.13 -12.38
N ARG D 183 -18.46 36.46 -13.14
CA ARG D 183 -18.39 36.02 -14.53
C ARG D 183 -18.32 34.51 -14.72
N TYR D 184 -17.49 33.84 -13.95
CA TYR D 184 -17.22 32.42 -14.19
C TYR D 184 -18.00 31.48 -13.31
N LEU D 185 -18.44 31.90 -12.14
CA LEU D 185 -19.22 31.03 -11.29
C LEU D 185 -20.67 31.50 -11.10
N HIS D 186 -21.01 32.64 -11.71
CA HIS D 186 -22.39 33.16 -11.69
C HIS D 186 -22.92 33.42 -10.29
N VAL D 187 -22.04 33.81 -9.37
CA VAL D 187 -22.49 34.23 -8.05
C VAL D 187 -21.79 35.52 -7.65
N ARG D 188 -22.54 36.39 -7.01
CA ARG D 188 -22.01 37.61 -6.44
C ARG D 188 -21.47 37.28 -5.04
N PRO D 189 -20.14 37.35 -4.85
CA PRO D 189 -19.61 37.02 -3.52
C PRO D 189 -19.68 38.21 -2.57
N GLN D 190 -19.38 37.99 -1.30
CA GLN D 190 -19.55 39.00 -0.25
C GLN D 190 -18.56 38.63 0.86
N PRO D 191 -17.90 39.63 1.45
CA PRO D 191 -17.03 39.30 2.59
C PRO D 191 -17.84 38.74 3.75
N LEU D 192 -17.32 37.70 4.38
CA LEU D 192 -17.94 37.15 5.59
C LEU D 192 -17.64 38.10 6.75
N ALA D 193 -18.37 37.93 7.85
CA ALA D 193 -18.28 38.84 9.00
C ALA D 193 -16.89 38.82 9.65
N GLY D 194 -16.31 40.01 9.85
CA GLY D 194 -14.95 40.14 10.37
C GLY D 194 -13.88 39.43 9.55
N GLU D 195 -14.12 39.28 8.26
CA GLU D 195 -13.15 38.74 7.34
C GLU D 195 -12.45 39.98 6.81
N ASP D 196 -11.15 40.09 7.03
CA ASP D 196 -10.40 41.24 6.51
C ASP D 196 -10.21 41.12 4.98
N PRO D 197 -9.83 42.22 4.31
CA PRO D 197 -9.61 42.12 2.86
C PRO D 197 -8.63 41.03 2.40
N PRO D 198 -7.52 40.79 3.12
CA PRO D 198 -6.61 39.71 2.75
C PRO D 198 -7.20 38.29 2.77
N ALA D 199 -7.97 37.98 3.81
CA ALA D 199 -8.62 36.67 3.92
C ALA D 199 -9.69 36.51 2.84
N TYR D 200 -10.46 37.57 2.62
CA TYR D 200 -11.48 37.62 1.58
C TYR D 200 -10.82 37.30 0.24
N GLN D 201 -9.68 37.92 0.02
CA GLN D 201 -8.99 37.79 -1.22
C GLN D 201 -8.53 36.35 -1.42
N ALA D 202 -7.91 35.80 -0.38
CA ALA D 202 -7.46 34.42 -0.40
C ALA D 202 -8.61 33.47 -0.66
N ARG D 203 -9.77 33.72 -0.05
CA ARG D 203 -10.89 32.82 -0.26
C ARG D 203 -11.40 32.84 -1.70
N LEU D 204 -11.48 34.05 -2.25
CA LEU D 204 -11.94 34.23 -3.62
C LEU D 204 -10.98 33.66 -4.62
N LEU D 205 -9.71 33.88 -4.40
CA LEU D 205 -8.70 33.33 -5.28
C LEU D 205 -8.75 31.81 -5.24
N GLN D 206 -8.84 31.26 -4.03
CA GLN D 206 -8.84 29.80 -3.83
C GLN D 206 -9.97 29.15 -4.59
N LYS D 207 -11.16 29.69 -4.36
CA LYS D 207 -12.33 29.10 -4.97
C LYS D 207 -12.24 29.20 -6.48
N LEU D 208 -11.74 30.35 -6.94
CA LEU D 208 -11.61 30.58 -8.38
C LEU D 208 -10.61 29.64 -9.06
N THR D 209 -9.48 29.44 -8.42
CA THR D 209 -8.46 28.55 -8.96
C THR D 209 -8.88 27.09 -8.89
N GLU D 210 -9.59 26.70 -7.85
CA GLU D 210 -10.04 25.31 -7.76
C GLU D 210 -11.12 24.98 -8.80
N GLU D 211 -12.08 25.88 -8.99
CA GLU D 211 -13.28 25.55 -9.74
C GLU D 211 -13.23 25.99 -11.20
N VAL D 212 -12.34 26.87 -11.60
CA VAL D 212 -12.40 27.34 -12.97
C VAL D 212 -11.05 27.35 -13.64
N PRO D 213 -10.86 26.43 -14.58
CA PRO D 213 -9.57 26.29 -15.20
C PRO D 213 -9.20 27.47 -16.07
N LEU D 214 -7.90 27.65 -16.25
CA LEU D 214 -7.37 28.45 -17.32
C LEU D 214 -7.88 27.92 -18.66
N GLY D 215 -7.58 28.65 -19.73
CA GLY D 215 -8.04 28.27 -21.04
C GLY D 215 -7.74 26.83 -21.43
N GLN D 216 -8.79 26.07 -21.73
CA GLN D 216 -8.69 24.68 -22.04
C GLN D 216 -8.18 24.36 -23.46
N SER D 217 -8.28 25.33 -24.38
CA SER D 217 -7.79 25.18 -25.76
C SER D 217 -6.60 26.06 -26.12
N ILE D 218 -6.04 26.76 -25.15
CA ILE D 218 -4.89 27.61 -25.42
C ILE D 218 -3.63 26.75 -25.48
N PRO D 219 -2.85 26.85 -26.57
CA PRO D 219 -1.63 26.02 -26.66
C PRO D 219 -0.63 26.31 -25.54
N ARG D 220 -0.14 25.25 -24.91
CA ARG D 220 0.78 25.30 -23.76
C ARG D 220 2.19 24.79 -24.12
N ARG D 221 3.20 25.24 -23.35
CA ARG D 221 4.64 25.11 -23.60
C ARG D 221 5.06 24.24 -24.80
#